data_4MPT
#
_entry.id   4MPT
#
_cell.length_a   86.565
_cell.length_b   86.565
_cell.length_c   194.053
_cell.angle_alpha   90.00
_cell.angle_beta   90.00
_cell.angle_gamma   120.00
#
_symmetry.space_group_name_H-M   'P 61'
#
loop_
_entity.id
_entity.type
_entity.pdbx_description
1 polymer 'Putative leu/ile/val-binding protein'
2 non-polymer 'ACETIC ACID'
3 non-polymer 'SODIUM ION'
4 water water
#
_entity_poly.entity_id   1
_entity_poly.type   'polypeptide(L)'
_entity_poly.pdbx_seq_one_letter_code
;SNAADTIKIG(MSE)TSALTGPYNEFGEGNRRAVELAVEQWNAKGGINGKKIEIA(MSE)LLDDQLNPDRAVQNIRAILD
NKDIVGIIGPAGSGP(MSE)LAVID(MSE)VQADGRPY(MSE)NPIAQTPVVTYPGEKTGEKPRPNVFSFALQNDIEAVA
(MSE)GEYLAKKFKRVGIIHESTAYGVTGVDYLAASIAKNGGAKPVATDSYNQGAQD(MSE)TAQVAR(MSE)KRANVDA
IAAIGLGKDLAVLRRT(MSE)ARLNVNVPLAASNGALGQPYQEGAGELTLGTLGT(MSE)IGAFGNP(MSE)RAPAADFA
KAYKAKYGTDRWWGNDPENPQLF(MSE)AISVSNGYDAANILFEGIRLANSTDPKAVIAAIESIKDYQGVNTAYTFSKER
HHGIETDGVKVFEYVKKGDKIRLEPIAQ
;
_entity_poly.pdbx_strand_id   A,B
#
loop_
_chem_comp.id
_chem_comp.type
_chem_comp.name
_chem_comp.formula
ACY non-polymer 'ACETIC ACID' 'C2 H4 O2'
NA non-polymer 'SODIUM ION' 'Na 1'
#
# COMPACT_ATOMS: atom_id res chain seq x y z
N ASP A 5 5.82 36.94 10.73
CA ASP A 5 6.06 35.56 11.15
C ASP A 5 4.86 34.66 10.84
N THR A 6 4.75 33.55 11.56
CA THR A 6 3.91 32.45 11.12
C THR A 6 2.96 31.84 12.15
N ILE A 7 2.06 31.02 11.64
CA ILE A 7 1.17 30.21 12.44
C ILE A 7 1.73 28.79 12.46
N LYS A 8 2.24 28.37 13.60
CA LYS A 8 2.87 27.05 13.67
C LYS A 8 1.99 26.01 14.32
N ILE A 9 1.77 24.90 13.64
CA ILE A 9 0.97 23.83 14.19
C ILE A 9 1.78 22.54 14.28
N GLY A 10 1.34 21.67 15.18
CA GLY A 10 1.99 20.40 15.40
C GLY A 10 1.04 19.29 15.01
N MSE A 11 1.61 18.13 14.67
CA MSE A 11 0.80 17.01 14.27
C MSE A 11 1.55 15.70 14.45
O MSE A 11 2.71 15.59 14.06
CB MSE A 11 0.39 17.14 12.80
CG MSE A 11 -0.35 15.94 12.29
SE MSE A 11 -0.92 16.18 10.45
CE MSE A 11 -1.91 14.51 10.28
N THR A 12 0.90 14.74 15.08
CA THR A 12 1.42 13.39 15.15
C THR A 12 0.30 12.45 14.72
N SER A 13 0.64 11.41 13.96
CA SER A 13 -0.33 10.40 13.56
C SER A 13 0.36 9.14 13.03
N ALA A 14 -0.43 8.14 12.66
CA ALA A 14 0.11 6.88 12.17
C ALA A 14 0.61 7.06 10.76
N LEU A 15 1.82 7.59 10.61
CA LEU A 15 2.35 7.84 9.28
C LEU A 15 2.90 6.58 8.62
N THR A 16 3.39 5.63 9.43
CA THR A 16 3.83 4.36 8.88
C THR A 16 3.20 3.21 9.63
N GLY A 17 3.43 2.00 9.11
CA GLY A 17 2.96 0.79 9.75
C GLY A 17 1.64 0.28 9.20
N PRO A 18 1.08 -0.73 9.86
CA PRO A 18 -0.16 -1.41 9.47
C PRO A 18 -1.39 -0.51 9.32
N TYR A 19 -1.42 0.62 10.01
CA TYR A 19 -2.62 1.45 10.04
C TYR A 19 -2.36 2.83 9.44
N ASN A 20 -1.36 2.93 8.57
CA ASN A 20 -0.93 4.23 8.04
C ASN A 20 -1.86 4.88 7.01
N GLU A 21 -2.91 4.17 6.60
CA GLU A 21 -3.94 4.78 5.77
C GLU A 21 -4.54 6.00 6.49
N PHE A 22 -4.63 5.92 7.80
CA PHE A 22 -5.18 7.01 8.57
C PHE A 22 -4.22 8.17 8.69
N GLY A 23 -3.03 7.92 9.23
CA GLY A 23 -2.07 8.98 9.47
C GLY A 23 -1.62 9.67 8.19
N GLU A 24 -1.26 8.89 7.19
CA GLU A 24 -0.77 9.46 5.96
C GLU A 24 -1.86 10.13 5.14
N GLY A 25 -3.07 9.58 5.21
CA GLY A 25 -4.21 10.23 4.60
C GLY A 25 -4.46 11.56 5.27
N ASN A 26 -4.47 11.58 6.59
CA ASN A 26 -4.70 12.81 7.35
C ASN A 26 -3.58 13.80 7.11
N ARG A 27 -2.36 13.30 6.95
N ARG A 27 -2.36 13.30 6.95
CA ARG A 27 -1.21 14.13 6.65
CA ARG A 27 -1.23 14.15 6.66
C ARG A 27 -1.43 14.85 5.33
C ARG A 27 -1.43 14.85 5.32
N ARG A 28 -1.85 14.09 4.31
CA ARG A 28 -2.12 14.66 3.00
C ARG A 28 -3.21 15.72 3.07
N ALA A 29 -4.25 15.41 3.83
CA ALA A 29 -5.36 16.31 4.03
C ALA A 29 -4.91 17.65 4.57
N VAL A 30 -4.12 17.61 5.63
CA VAL A 30 -3.66 18.82 6.30
C VAL A 30 -2.72 19.65 5.42
N GLU A 31 -1.84 18.97 4.68
CA GLU A 31 -0.91 19.66 3.78
C GLU A 31 -1.65 20.44 2.71
N LEU A 32 -2.66 19.81 2.13
CA LEU A 32 -3.48 20.44 1.10
C LEU A 32 -4.16 21.68 1.66
N ALA A 33 -4.72 21.57 2.86
CA ALA A 33 -5.40 22.68 3.49
C ALA A 33 -4.43 23.83 3.65
N VAL A 34 -3.29 23.56 4.29
CA VAL A 34 -2.25 24.55 4.49
C VAL A 34 -1.93 25.27 3.20
N GLU A 35 -1.70 24.51 2.14
CA GLU A 35 -1.43 25.08 0.83
C GLU A 35 -2.54 26.06 0.43
N GLN A 36 -3.78 25.60 0.52
CA GLN A 36 -4.93 26.41 0.14
C GLN A 36 -5.01 27.72 0.92
N TRP A 37 -4.93 27.63 2.24
CA TRP A 37 -4.95 28.85 3.03
C TRP A 37 -3.73 29.68 2.71
N ASN A 38 -2.61 29.02 2.44
CA ASN A 38 -1.37 29.72 2.14
C ASN A 38 -1.38 30.45 0.82
N ALA A 39 -2.05 29.87 -0.17
CA ALA A 39 -2.18 30.51 -1.47
C ALA A 39 -2.88 31.87 -1.39
N LYS A 40 -3.60 32.10 -0.30
CA LYS A 40 -4.39 33.32 -0.16
C LYS A 40 -3.99 34.15 1.06
N GLY A 41 -2.78 33.94 1.58
CA GLY A 41 -2.24 34.80 2.64
C GLY A 41 -1.96 34.20 4.01
N GLY A 42 -2.45 32.99 4.25
CA GLY A 42 -2.39 32.39 5.57
C GLY A 42 -3.63 32.71 6.37
N ILE A 43 -3.47 32.89 7.67
CA ILE A 43 -4.59 33.26 8.51
C ILE A 43 -4.44 34.70 8.91
N ASN A 44 -5.25 35.57 8.32
CA ASN A 44 -5.10 37.03 8.52
C ASN A 44 -3.69 37.50 8.24
N GLY A 45 -3.14 37.07 7.11
CA GLY A 45 -1.82 37.50 6.69
C GLY A 45 -0.65 36.72 7.24
N LYS A 46 -0.90 35.77 8.13
CA LYS A 46 0.18 34.97 8.71
C LYS A 46 0.21 33.57 8.11
N LYS A 47 1.31 33.25 7.44
CA LYS A 47 1.47 31.95 6.78
C LYS A 47 1.50 30.82 7.79
N ILE A 48 0.85 29.72 7.45
CA ILE A 48 0.78 28.56 8.31
C ILE A 48 1.94 27.62 8.04
N GLU A 49 2.56 27.11 9.11
N GLU A 49 2.54 27.09 9.11
CA GLU A 49 3.54 26.04 8.94
CA GLU A 49 3.60 26.10 9.03
C GLU A 49 3.27 24.86 9.85
C GLU A 49 3.29 24.86 9.87
N ILE A 50 3.45 23.68 9.30
CA ILE A 50 3.42 22.46 10.08
C ILE A 50 4.85 22.27 10.56
N ALA A 51 5.12 22.79 11.75
CA ALA A 51 6.48 22.92 12.24
C ALA A 51 7.00 21.61 12.79
N MSE A 52 6.08 20.76 13.23
CA MSE A 52 6.44 19.47 13.75
C MSE A 52 5.49 18.44 13.17
O MSE A 52 4.28 18.52 13.36
CB MSE A 52 6.36 19.47 15.28
CG MSE A 52 7.14 20.60 15.93
SE MSE A 52 7.31 20.40 17.87
CE MSE A 52 8.04 18.58 17.87
N LEU A 53 6.04 17.49 12.42
CA LEU A 53 5.24 16.40 11.86
C LEU A 53 5.88 15.08 12.22
N LEU A 54 5.16 14.33 13.04
CA LEU A 54 5.73 13.14 13.67
C LEU A 54 4.88 11.90 13.41
N ASP A 55 5.52 10.74 13.48
CA ASP A 55 4.90 9.46 13.17
C ASP A 55 4.83 8.62 14.43
N ASP A 56 3.64 8.16 14.79
CA ASP A 56 3.51 7.29 15.95
C ASP A 56 3.11 5.87 15.60
N GLN A 57 2.79 5.65 14.33
CA GLN A 57 2.41 4.34 13.81
C GLN A 57 1.18 3.77 14.49
N LEU A 58 0.32 4.66 14.99
CA LEU A 58 -0.84 4.28 15.79
C LEU A 58 -0.47 3.65 17.12
N ASN A 59 0.80 3.71 17.51
CA ASN A 59 1.21 3.19 18.80
C ASN A 59 1.06 4.23 19.90
N PRO A 60 0.36 3.86 20.98
CA PRO A 60 0.06 4.82 22.04
C PRO A 60 1.31 5.37 22.74
N ASP A 61 2.33 4.54 22.94
CA ASP A 61 3.54 4.98 23.62
C ASP A 61 4.31 5.99 22.78
N ARG A 62 4.37 5.72 21.48
N ARG A 62 4.37 5.72 21.48
CA ARG A 62 5.03 6.63 20.56
CA ARG A 62 5.03 6.64 20.56
C ARG A 62 4.25 7.94 20.44
C ARG A 62 4.25 7.95 20.43
N ALA A 63 2.93 7.86 20.53
CA ALA A 63 2.08 9.04 20.47
C ALA A 63 2.45 9.97 21.60
N VAL A 64 2.60 9.39 22.79
CA VAL A 64 2.97 10.14 23.97
C VAL A 64 4.32 10.81 23.80
N GLN A 65 5.30 10.05 23.32
CA GLN A 65 6.62 10.63 23.08
C GLN A 65 6.52 11.75 22.05
N ASN A 66 5.64 11.58 21.07
CA ASN A 66 5.48 12.58 20.02
C ASN A 66 4.74 13.82 20.51
N ILE A 67 3.70 13.60 21.29
CA ILE A 67 2.99 14.73 21.88
C ILE A 67 3.85 15.48 22.91
N ARG A 68 4.61 14.75 23.73
CA ARG A 68 5.56 15.39 24.65
C ARG A 68 6.46 16.37 23.89
N ALA A 69 7.04 15.91 22.80
CA ALA A 69 7.94 16.72 22.00
C ALA A 69 7.24 17.92 21.34
N ILE A 70 5.99 17.74 20.95
CA ILE A 70 5.25 18.84 20.32
C ILE A 70 4.87 19.90 21.35
N LEU A 71 4.32 19.45 22.48
CA LEU A 71 3.88 20.37 23.53
C LEU A 71 5.07 21.15 24.07
N ASP A 72 6.22 20.51 24.12
CA ASP A 72 7.43 21.18 24.61
C ASP A 72 7.72 22.45 23.83
N ASN A 73 7.44 22.44 22.52
CA ASN A 73 7.67 23.61 21.66
C ASN A 73 6.65 24.74 21.89
N LYS A 74 7.12 25.86 22.42
CA LYS A 74 6.24 26.98 22.76
C LYS A 74 5.64 27.69 21.55
N ASP A 75 6.29 27.57 20.40
CA ASP A 75 5.84 28.27 19.22
C ASP A 75 4.66 27.61 18.51
N ILE A 76 4.45 26.32 18.76
CA ILE A 76 3.29 25.63 18.22
C ILE A 76 2.03 26.28 18.79
N VAL A 77 1.09 26.65 17.92
CA VAL A 77 -0.13 27.29 18.41
C VAL A 77 -1.35 26.35 18.40
N GLY A 78 -1.25 25.25 17.66
CA GLY A 78 -2.32 24.26 17.63
C GLY A 78 -1.88 22.89 17.16
N ILE A 79 -2.68 21.88 17.47
CA ILE A 79 -2.34 20.50 17.14
C ILE A 79 -3.42 19.72 16.43
N ILE A 80 -3.01 18.97 15.41
CA ILE A 80 -3.87 17.93 14.85
C ILE A 80 -3.44 16.59 15.46
N GLY A 81 -4.24 16.07 16.36
CA GLY A 81 -3.88 14.89 17.14
C GLY A 81 -3.79 13.60 16.36
N PRO A 82 -3.39 12.51 17.03
CA PRO A 82 -3.19 11.24 16.34
C PRO A 82 -4.46 10.52 16.00
N ALA A 83 -4.37 9.65 15.01
CA ALA A 83 -5.41 8.69 14.73
C ALA A 83 -5.37 7.61 15.80
N GLY A 84 -6.54 7.05 16.15
CA GLY A 84 -6.59 5.96 17.11
C GLY A 84 -7.06 6.31 18.51
N SER A 85 -8.01 5.53 19.03
CA SER A 85 -8.50 5.70 20.39
C SER A 85 -7.37 5.52 21.40
N GLY A 86 -6.48 4.57 21.13
CA GLY A 86 -5.32 4.34 21.98
C GLY A 86 -4.40 5.54 22.11
N PRO A 87 -3.81 5.96 21.00
CA PRO A 87 -2.99 7.17 20.99
C PRO A 87 -3.67 8.37 21.63
N MSE A 88 -4.90 8.65 21.21
CA MSE A 88 -5.63 9.80 21.73
C MSE A 88 -5.84 9.74 23.24
O MSE A 88 -5.47 10.68 23.93
CB MSE A 88 -6.98 9.93 21.02
CG MSE A 88 -6.87 10.41 19.58
SE MSE A 88 -6.45 12.32 19.43
CE MSE A 88 -7.24 12.84 21.14
N LEU A 89 -6.41 8.66 23.75
CA LEU A 89 -6.65 8.53 25.17
C LEU A 89 -5.36 8.57 25.97
N ALA A 90 -4.29 8.07 25.38
CA ALA A 90 -2.97 8.09 26.00
C ALA A 90 -2.41 9.50 26.20
N VAL A 91 -2.68 10.39 25.25
CA VAL A 91 -2.13 11.74 25.30
C VAL A 91 -3.10 12.80 25.85
N ILE A 92 -4.33 12.39 26.13
CA ILE A 92 -5.43 13.34 26.30
C ILE A 92 -5.32 14.23 27.54
N ASP A 93 -4.67 13.74 28.58
CA ASP A 93 -4.52 14.54 29.80
C ASP A 93 -3.41 15.59 29.67
N MSE A 94 -2.36 15.23 28.94
CA MSE A 94 -1.20 16.08 28.71
C MSE A 94 -1.64 17.29 27.91
O MSE A 94 -1.12 18.39 28.08
CB MSE A 94 -0.19 15.30 27.89
CG MSE A 94 1.25 15.51 28.28
SE MSE A 94 2.35 14.42 27.13
CE MSE A 94 1.28 12.78 27.15
N VAL A 95 -2.58 17.04 27.01
CA VAL A 95 -3.07 18.05 26.10
C VAL A 95 -4.10 18.95 26.78
N GLN A 96 -5.03 18.34 27.48
CA GLN A 96 -6.03 19.08 28.23
C GLN A 96 -5.36 20.03 29.24
N ALA A 97 -4.21 19.63 29.75
CA ALA A 97 -3.47 20.46 30.70
C ALA A 97 -2.85 21.66 30.00
N ASP A 98 -2.12 21.38 28.94
CA ASP A 98 -1.46 22.39 28.13
C ASP A 98 -2.50 23.39 27.63
N GLY A 99 -3.61 22.87 27.11
CA GLY A 99 -4.77 23.69 26.85
C GLY A 99 -4.82 24.41 25.52
N ARG A 100 -3.81 24.20 24.68
CA ARG A 100 -3.83 24.75 23.33
C ARG A 100 -4.88 24.00 22.53
N PRO A 101 -5.44 24.64 21.49
CA PRO A 101 -6.49 24.00 20.67
C PRO A 101 -6.03 22.69 20.05
N TYR A 102 -6.88 21.69 20.17
CA TYR A 102 -6.51 20.33 19.82
C TYR A 102 -7.60 19.66 18.98
N MSE A 103 -7.25 19.29 17.76
CA MSE A 103 -8.22 18.70 16.84
C MSE A 103 -8.12 17.19 16.83
O MSE A 103 -7.09 16.65 16.42
CB MSE A 103 -8.01 19.23 15.42
CG MSE A 103 -7.91 20.74 15.31
SE MSE A 103 -9.39 21.67 16.19
CE MSE A 103 -8.33 22.68 17.45
N ASN A 104 -9.16 16.50 17.28
CA ASN A 104 -9.23 15.05 17.18
C ASN A 104 -9.88 14.70 15.86
N PRO A 105 -9.12 14.11 14.92
CA PRO A 105 -9.71 13.87 13.61
C PRO A 105 -10.50 12.58 13.51
N ILE A 106 -10.03 11.55 14.20
CA ILE A 106 -10.49 10.20 13.89
C ILE A 106 -11.06 9.42 15.08
N ALA A 107 -10.34 9.39 16.20
CA ALA A 107 -10.71 8.54 17.34
C ALA A 107 -12.18 8.62 17.76
N GLN A 108 -12.86 7.47 17.70
CA GLN A 108 -14.31 7.43 17.79
C GLN A 108 -14.85 7.19 19.20
N THR A 109 -13.97 6.96 20.15
CA THR A 109 -14.38 6.75 21.53
C THR A 109 -14.94 8.06 22.11
N PRO A 110 -16.22 8.07 22.48
CA PRO A 110 -16.88 9.27 22.98
C PRO A 110 -16.16 10.00 24.12
N VAL A 111 -15.63 9.31 25.11
CA VAL A 111 -14.95 9.99 26.22
C VAL A 111 -13.70 10.76 25.82
N VAL A 112 -13.24 10.57 24.59
CA VAL A 112 -12.10 11.34 24.10
C VAL A 112 -12.42 12.82 24.19
N THR A 113 -13.67 13.17 23.86
CA THR A 113 -14.09 14.57 23.81
C THR A 113 -15.00 14.92 24.96
N TYR A 114 -15.84 13.98 25.33
CA TYR A 114 -16.82 14.22 26.38
C TYR A 114 -16.52 13.29 27.54
N PRO A 115 -15.60 13.71 28.41
CA PRO A 115 -15.21 12.93 29.57
C PRO A 115 -16.44 12.69 30.46
N GLY A 116 -17.39 13.61 30.44
CA GLY A 116 -18.59 13.51 31.25
C GLY A 116 -19.63 12.57 30.69
N GLU A 117 -19.29 11.87 29.61
CA GLU A 117 -20.10 10.80 29.05
C GLU A 117 -21.43 11.28 28.43
N LYS A 118 -21.64 12.60 28.43
CA LYS A 118 -22.81 13.15 27.76
C LYS A 118 -22.38 13.82 26.47
N THR A 119 -22.59 13.14 25.34
CA THR A 119 -22.25 13.70 24.04
C THR A 119 -22.95 15.04 23.91
N GLY A 120 -22.17 16.08 23.61
CA GLY A 120 -22.72 17.42 23.48
C GLY A 120 -22.92 18.12 24.82
N GLU A 121 -22.46 17.50 25.89
CA GLU A 121 -22.47 18.15 27.20
C GLU A 121 -21.14 18.01 27.93
N LYS A 122 -20.61 19.14 28.40
CA LYS A 122 -19.37 19.17 29.19
C LYS A 122 -18.19 18.48 28.51
N PRO A 123 -17.66 19.08 27.44
CA PRO A 123 -16.49 18.49 26.79
C PRO A 123 -15.21 18.96 27.44
N ARG A 124 -14.10 18.33 27.09
CA ARG A 124 -12.81 18.90 27.38
C ARG A 124 -12.79 20.19 26.57
N PRO A 125 -12.52 21.32 27.24
CA PRO A 125 -12.69 22.66 26.69
C PRO A 125 -11.91 22.93 25.41
N ASN A 126 -10.71 22.36 25.25
CA ASN A 126 -9.85 22.65 24.09
C ASN A 126 -9.85 21.56 23.01
N VAL A 127 -10.66 20.52 23.22
CA VAL A 127 -10.70 19.39 22.29
C VAL A 127 -11.89 19.51 21.34
N PHE A 128 -11.60 19.45 20.05
CA PHE A 128 -12.65 19.49 19.03
C PHE A 128 -12.53 18.28 18.12
N SER A 129 -13.63 17.54 17.99
CA SER A 129 -13.57 16.22 17.37
C SER A 129 -14.25 16.15 16.01
N PHE A 130 -13.56 15.48 15.10
CA PHE A 130 -14.05 15.31 13.74
C PHE A 130 -14.26 13.83 13.48
N ALA A 131 -14.26 13.07 14.57
CA ALA A 131 -14.53 11.65 14.54
C ALA A 131 -15.98 11.41 14.21
N LEU A 132 -16.27 10.19 13.80
CA LEU A 132 -17.62 9.68 13.85
C LEU A 132 -17.69 8.90 15.17
N GLN A 133 -18.37 9.42 16.18
CA GLN A 133 -18.35 8.77 17.49
C GLN A 133 -19.03 7.40 17.50
N ASN A 134 -18.57 6.52 18.40
CA ASN A 134 -19.07 5.17 18.44
C ASN A 134 -20.56 5.07 18.73
N ASP A 135 -21.03 5.89 19.65
CA ASP A 135 -22.44 5.88 20.03
C ASP A 135 -23.27 6.37 18.85
N ILE A 136 -22.74 7.36 18.16
CA ILE A 136 -23.40 7.85 16.96
C ILE A 136 -23.39 6.80 15.85
N GLU A 137 -22.26 6.14 15.65
CA GLU A 137 -22.13 5.10 14.64
C GLU A 137 -23.10 3.95 14.90
N ALA A 138 -23.26 3.63 16.18
CA ALA A 138 -24.07 2.50 16.61
C ALA A 138 -25.53 2.57 16.11
N VAL A 139 -26.01 3.76 15.85
CA VAL A 139 -27.41 3.95 15.47
C VAL A 139 -27.77 3.25 14.18
N ALA A 140 -27.02 3.56 13.14
CA ALA A 140 -27.33 3.01 11.83
C ALA A 140 -27.04 1.53 11.80
N MSE A 141 -25.88 1.16 12.33
CA MSE A 141 -25.48 -0.25 12.32
C MSE A 141 -26.42 -1.07 13.19
O MSE A 141 -26.85 -2.15 12.80
CB MSE A 141 -24.04 -0.41 12.77
CG MSE A 141 -23.50 -1.82 12.53
SE MSE A 141 -23.91 -2.53 10.76
CE MSE A 141 -22.25 -2.13 9.89
N GLY A 142 -26.71 -0.55 14.37
CA GLY A 142 -27.66 -1.18 15.24
C GLY A 142 -28.97 -1.46 14.55
N GLU A 143 -29.50 -0.47 13.84
N GLU A 143 -29.50 -0.47 13.84
CA GLU A 143 -30.78 -0.63 13.17
CA GLU A 143 -30.78 -0.63 13.17
C GLU A 143 -30.73 -1.67 12.06
C GLU A 143 -30.73 -1.67 12.06
N TYR A 144 -29.71 -1.61 11.22
CA TYR A 144 -29.62 -2.52 10.08
C TYR A 144 -29.57 -3.97 10.50
N LEU A 145 -28.76 -4.27 11.50
CA LEU A 145 -28.61 -5.64 11.97
C LEU A 145 -29.85 -6.15 12.69
N ALA A 146 -30.50 -5.29 13.45
CA ALA A 146 -31.63 -5.68 14.27
C ALA A 146 -32.88 -5.93 13.45
N LYS A 147 -32.82 -5.64 12.15
CA LYS A 147 -33.94 -5.88 11.27
C LYS A 147 -33.60 -6.94 10.23
N LYS A 148 -32.32 -7.10 9.97
CA LYS A 148 -31.88 -7.99 8.90
C LYS A 148 -31.48 -9.37 9.39
N PHE A 149 -31.06 -9.46 10.65
CA PHE A 149 -30.42 -10.69 11.12
C PHE A 149 -30.97 -11.22 12.42
N LYS A 150 -30.86 -12.54 12.60
CA LYS A 150 -31.48 -13.18 13.75
C LYS A 150 -30.49 -13.42 14.87
N ARG A 151 -29.37 -14.06 14.56
CA ARG A 151 -28.32 -14.19 15.56
C ARG A 151 -27.00 -13.59 15.09
N VAL A 152 -26.64 -12.48 15.71
CA VAL A 152 -25.45 -11.75 15.34
C VAL A 152 -24.26 -12.08 16.25
N GLY A 153 -23.08 -12.20 15.66
CA GLY A 153 -21.88 -12.36 16.46
C GLY A 153 -21.05 -11.11 16.33
N ILE A 154 -20.49 -10.64 17.44
CA ILE A 154 -19.68 -9.44 17.41
C ILE A 154 -18.23 -9.69 17.82
N ILE A 155 -17.31 -9.18 17.01
CA ILE A 155 -15.89 -9.24 17.30
C ILE A 155 -15.36 -7.82 17.28
N HIS A 156 -14.43 -7.49 18.18
CA HIS A 156 -13.89 -6.14 18.21
C HIS A 156 -12.45 -6.12 18.71
N GLU A 157 -11.73 -5.05 18.42
CA GLU A 157 -10.36 -4.91 18.91
C GLU A 157 -10.38 -4.49 20.38
N SER A 158 -9.26 -4.67 21.06
CA SER A 158 -9.21 -4.47 22.51
C SER A 158 -9.10 -3.02 22.98
N THR A 159 -8.85 -2.10 22.06
CA THR A 159 -8.74 -0.70 22.43
C THR A 159 -10.10 -0.17 22.80
N ALA A 160 -10.14 1.03 23.36
CA ALA A 160 -11.42 1.67 23.67
C ALA A 160 -12.36 1.76 22.45
N TYR A 161 -11.78 1.86 21.25
CA TYR A 161 -12.59 1.91 20.04
C TYR A 161 -13.43 0.66 19.93
N GLY A 162 -12.81 -0.50 20.17
CA GLY A 162 -13.54 -1.75 20.11
C GLY A 162 -14.45 -1.89 21.32
N VAL A 163 -13.91 -1.54 22.48
CA VAL A 163 -14.62 -1.71 23.74
C VAL A 163 -15.92 -0.93 23.79
N THR A 164 -15.85 0.37 23.55
CA THR A 164 -17.06 1.18 23.56
C THR A 164 -17.96 0.80 22.39
N GLY A 165 -17.37 0.65 21.23
CA GLY A 165 -18.10 0.38 20.01
C GLY A 165 -19.11 -0.73 20.18
N VAL A 166 -18.69 -1.80 20.85
CA VAL A 166 -19.56 -2.95 21.05
C VAL A 166 -20.68 -2.66 22.02
N ASP A 167 -20.38 -2.00 23.14
CA ASP A 167 -21.43 -1.68 24.10
C ASP A 167 -22.48 -0.77 23.46
N TYR A 168 -22.02 0.11 22.57
CA TYR A 168 -22.92 0.99 21.84
C TYR A 168 -23.70 0.20 20.79
N LEU A 169 -23.04 -0.76 20.14
CA LEU A 169 -23.69 -1.54 19.08
C LEU A 169 -24.65 -2.60 19.63
N ALA A 170 -24.22 -3.35 20.64
CA ALA A 170 -25.08 -4.34 21.25
C ALA A 170 -26.36 -3.70 21.75
N ALA A 171 -26.19 -2.53 22.37
CA ALA A 171 -27.32 -1.80 22.91
C ALA A 171 -28.23 -1.32 21.81
N SER A 172 -27.66 -0.83 20.72
CA SER A 172 -28.46 -0.31 19.62
C SER A 172 -29.26 -1.42 18.94
N ILE A 173 -28.72 -2.63 18.98
CA ILE A 173 -29.43 -3.81 18.50
C ILE A 173 -30.63 -4.15 19.39
N ALA A 174 -30.39 -4.18 20.70
CA ALA A 174 -31.44 -4.38 21.68
C ALA A 174 -32.55 -3.38 21.48
N LYS A 175 -32.17 -2.11 21.37
CA LYS A 175 -33.12 -1.02 21.26
C LYS A 175 -34.04 -1.16 20.05
N ASN A 176 -33.48 -1.64 18.94
CA ASN A 176 -34.30 -1.93 17.77
C ASN A 176 -34.90 -3.32 17.88
N GLY A 177 -35.09 -3.77 19.12
CA GLY A 177 -35.78 -5.03 19.40
C GLY A 177 -35.08 -6.26 18.87
N GLY A 178 -33.83 -6.13 18.49
CA GLY A 178 -33.07 -7.28 18.04
C GLY A 178 -32.60 -8.10 19.22
N ALA A 179 -32.31 -9.37 18.98
CA ALA A 179 -31.78 -10.22 20.05
C ALA A 179 -30.33 -9.91 20.36
N LYS A 180 -29.98 -10.01 21.63
CA LYS A 180 -28.60 -9.86 22.06
C LYS A 180 -27.68 -10.79 21.28
N PRO A 181 -26.48 -10.31 20.95
CA PRO A 181 -25.54 -11.07 20.14
C PRO A 181 -25.28 -12.46 20.70
N VAL A 182 -25.25 -13.45 19.80
CA VAL A 182 -25.13 -14.85 20.19
C VAL A 182 -23.69 -15.23 20.54
N ALA A 183 -22.74 -14.38 20.14
CA ALA A 183 -21.34 -14.57 20.48
C ALA A 183 -20.62 -13.23 20.48
N THR A 184 -19.64 -13.09 21.36
CA THR A 184 -18.87 -11.85 21.46
C THR A 184 -17.44 -12.18 21.84
N ASP A 185 -16.50 -11.32 21.47
CA ASP A 185 -15.11 -11.37 21.94
C ASP A 185 -14.25 -10.21 21.43
N SER A 186 -13.07 -10.05 22.01
CA SER A 186 -12.12 -9.05 21.55
C SER A 186 -10.84 -9.68 21.02
N TYR A 187 -10.18 -8.99 20.10
CA TYR A 187 -8.81 -9.32 19.72
C TYR A 187 -7.95 -8.08 19.98
N ASN A 188 -6.64 -8.27 19.99
CA ASN A 188 -5.72 -7.15 20.08
C ASN A 188 -5.17 -6.86 18.70
N GLN A 189 -5.08 -5.60 18.34
CA GLN A 189 -4.55 -5.22 17.04
C GLN A 189 -3.28 -5.98 16.69
N GLY A 190 -3.23 -6.52 15.48
CA GLY A 190 -2.09 -7.29 15.05
C GLY A 190 -2.30 -8.78 15.17
N ALA A 191 -3.24 -9.18 16.02
CA ALA A 191 -3.49 -10.60 16.29
C ALA A 191 -3.71 -11.39 15.02
N GLN A 192 -2.96 -12.46 14.87
N GLN A 192 -2.95 -12.45 14.86
CA GLN A 192 -2.99 -13.27 13.65
CA GLN A 192 -3.03 -13.26 13.65
C GLN A 192 -3.98 -14.43 13.80
C GLN A 192 -4.00 -14.41 13.81
N ASP A 193 -4.09 -14.94 15.02
CA ASP A 193 -5.02 -16.01 15.31
C ASP A 193 -6.37 -15.46 15.75
N MSE A 194 -7.35 -15.60 14.87
CA MSE A 194 -8.73 -15.28 15.18
C MSE A 194 -9.57 -16.52 14.93
O MSE A 194 -10.80 -16.49 15.04
CB MSE A 194 -9.21 -14.11 14.33
CG MSE A 194 -8.26 -12.94 14.37
SE MSE A 194 -9.18 -11.34 13.84
CE MSE A 194 -7.63 -10.15 13.70
N THR A 195 -8.89 -17.63 14.68
CA THR A 195 -9.55 -18.91 14.45
C THR A 195 -10.34 -19.18 15.71
N ALA A 196 -9.73 -18.88 16.84
CA ALA A 196 -10.42 -19.02 18.12
C ALA A 196 -11.73 -18.27 18.12
N GLN A 197 -11.67 -17.01 17.70
CA GLN A 197 -12.83 -16.12 17.67
C GLN A 197 -13.83 -16.46 16.57
N VAL A 198 -13.33 -16.83 15.39
CA VAL A 198 -14.22 -17.22 14.29
C VAL A 198 -14.85 -18.60 14.53
N ALA A 199 -14.20 -19.44 15.31
CA ALA A 199 -14.77 -20.76 15.67
C ALA A 199 -15.90 -20.64 16.68
N ARG A 200 -15.79 -19.66 17.57
CA ARG A 200 -16.84 -19.42 18.55
C ARG A 200 -18.09 -18.95 17.82
N MSE A 201 -17.89 -18.12 16.80
CA MSE A 201 -18.98 -17.68 15.95
C MSE A 201 -19.60 -18.87 15.27
O MSE A 201 -20.79 -19.13 15.41
CB MSE A 201 -18.47 -16.72 14.88
CG MSE A 201 -17.64 -15.58 15.41
SE MSE A 201 -18.69 -14.33 16.45
CE MSE A 201 -17.54 -14.32 18.02
N LYS A 202 -18.76 -19.63 14.56
CA LYS A 202 -19.22 -20.74 13.73
C LYS A 202 -20.01 -21.73 14.55
N ARG A 203 -19.58 -21.96 15.78
N ARG A 203 -19.58 -21.96 15.78
CA ARG A 203 -20.29 -22.89 16.65
CA ARG A 203 -20.28 -22.89 16.64
C ARG A 203 -21.55 -22.26 17.22
C ARG A 203 -21.54 -22.27 17.23
N ALA A 204 -21.57 -20.93 17.29
CA ALA A 204 -22.73 -20.23 17.81
C ALA A 204 -23.80 -20.02 16.74
N ASN A 205 -23.55 -20.56 15.55
CA ASN A 205 -24.48 -20.49 14.42
C ASN A 205 -24.95 -19.08 14.09
N VAL A 206 -24.01 -18.13 14.10
CA VAL A 206 -24.33 -16.74 13.80
C VAL A 206 -25.05 -16.59 12.47
N ASP A 207 -25.95 -15.61 12.40
CA ASP A 207 -26.53 -15.20 11.15
C ASP A 207 -25.52 -14.31 10.44
N ALA A 208 -24.77 -13.55 11.23
CA ALA A 208 -23.86 -12.56 10.71
C ALA A 208 -22.84 -12.22 11.78
N ILE A 209 -21.71 -11.67 11.35
CA ILE A 209 -20.69 -11.20 12.28
C ILE A 209 -20.45 -9.72 12.10
N ALA A 210 -20.61 -8.96 13.17
CA ALA A 210 -20.28 -7.54 13.16
C ALA A 210 -18.91 -7.28 13.78
N ALA A 211 -18.08 -6.52 13.06
CA ALA A 211 -16.71 -6.29 13.50
C ALA A 211 -16.41 -4.82 13.70
N ILE A 212 -15.83 -4.50 14.86
CA ILE A 212 -15.36 -3.14 15.17
C ILE A 212 -13.84 -3.13 15.34
N GLY A 213 -13.15 -2.54 14.37
CA GLY A 213 -11.70 -2.60 14.32
C GLY A 213 -11.21 -2.03 13.01
N LEU A 214 -9.98 -2.37 12.62
CA LEU A 214 -9.32 -1.72 11.49
C LEU A 214 -9.01 -2.68 10.36
N GLY A 215 -8.71 -2.12 9.19
CA GLY A 215 -8.61 -2.87 7.95
C GLY A 215 -7.71 -4.08 7.99
N LYS A 216 -6.47 -3.90 8.45
CA LYS A 216 -5.53 -5.01 8.49
C LYS A 216 -6.12 -6.15 9.30
N ASP A 217 -6.72 -5.80 10.42
CA ASP A 217 -7.28 -6.80 11.30
C ASP A 217 -8.57 -7.38 10.76
N LEU A 218 -9.37 -6.55 10.11
CA LEU A 218 -10.62 -7.04 9.52
C LEU A 218 -10.32 -8.07 8.45
N ALA A 219 -9.31 -7.81 7.65
CA ALA A 219 -8.90 -8.76 6.61
C ALA A 219 -8.58 -10.14 7.18
N VAL A 220 -7.84 -10.19 8.29
CA VAL A 220 -7.56 -11.46 8.98
C VAL A 220 -8.83 -12.16 9.44
N LEU A 221 -9.74 -11.40 10.03
CA LEU A 221 -11.03 -11.89 10.46
C LEU A 221 -11.76 -12.60 9.31
N ARG A 222 -11.83 -11.91 8.16
CA ARG A 222 -12.52 -12.41 6.99
C ARG A 222 -11.82 -13.64 6.37
N ARG A 223 -10.50 -13.62 6.36
CA ARG A 223 -9.75 -14.76 5.84
C ARG A 223 -9.90 -15.95 6.77
N THR A 224 -10.00 -15.67 8.07
CA THR A 224 -10.23 -16.72 9.05
C THR A 224 -11.60 -17.31 8.83
N MSE A 225 -12.56 -16.47 8.43
CA MSE A 225 -13.92 -16.92 8.16
C MSE A 225 -13.95 -17.91 7.02
O MSE A 225 -14.58 -18.95 7.12
CB MSE A 225 -14.80 -15.73 7.82
CG MSE A 225 -15.12 -14.89 9.02
SE MSE A 225 -16.02 -13.24 8.55
CE MSE A 225 -17.54 -13.98 7.59
N ALA A 226 -13.27 -17.58 5.93
CA ALA A 226 -13.24 -18.47 4.79
C ALA A 226 -12.45 -19.75 5.09
N ARG A 227 -11.41 -19.63 5.90
CA ARG A 227 -10.64 -20.79 6.32
C ARG A 227 -11.48 -21.75 7.15
N LEU A 228 -12.36 -21.20 7.98
CA LEU A 228 -13.25 -21.99 8.81
C LEU A 228 -14.59 -22.21 8.13
N ASN A 229 -14.66 -21.91 6.83
CA ASN A 229 -15.90 -22.00 6.06
C ASN A 229 -17.11 -21.41 6.77
N VAL A 230 -16.88 -20.31 7.49
CA VAL A 230 -17.92 -19.51 8.06
C VAL A 230 -18.13 -18.40 7.07
N ASN A 231 -19.08 -18.59 6.18
CA ASN A 231 -19.35 -17.53 5.22
C ASN A 231 -20.75 -16.96 5.38
N VAL A 232 -20.78 -15.83 6.09
CA VAL A 232 -21.98 -15.08 6.45
C VAL A 232 -21.62 -13.61 6.27
N PRO A 233 -22.62 -12.72 6.15
CA PRO A 233 -22.36 -11.28 6.03
C PRO A 233 -21.41 -10.77 7.10
N LEU A 234 -20.44 -9.96 6.70
CA LEU A 234 -19.56 -9.31 7.66
C LEU A 234 -19.93 -7.84 7.71
N ALA A 235 -20.40 -7.38 8.85
CA ALA A 235 -20.81 -5.98 9.00
C ALA A 235 -19.72 -5.22 9.72
N ALA A 236 -19.01 -4.36 8.98
CA ALA A 236 -17.82 -3.70 9.50
C ALA A 236 -18.09 -2.26 9.94
N SER A 237 -17.27 -1.76 10.85
CA SER A 237 -17.33 -0.34 11.21
C SER A 237 -16.64 0.45 10.11
N ASN A 238 -16.83 1.77 10.09
CA ASN A 238 -16.26 2.63 9.03
C ASN A 238 -14.76 2.41 8.89
N GLY A 239 -14.06 2.38 10.01
CA GLY A 239 -12.60 2.29 10.01
C GLY A 239 -12.02 0.95 9.56
N ALA A 240 -12.88 -0.06 9.45
CA ALA A 240 -12.43 -1.40 9.11
C ALA A 240 -12.25 -1.53 7.61
N LEU A 241 -12.91 -0.65 6.87
CA LEU A 241 -13.06 -0.81 5.44
C LEU A 241 -11.94 -0.16 4.65
N GLY A 242 -10.83 0.10 5.33
CA GLY A 242 -9.69 0.71 4.69
C GLY A 242 -9.01 -0.19 3.69
N GLN A 243 -8.13 0.42 2.91
CA GLN A 243 -7.36 -0.25 1.87
C GLN A 243 -6.78 -1.60 2.29
N PRO A 244 -6.23 -1.70 3.51
CA PRO A 244 -5.71 -3.03 3.86
C PRO A 244 -6.79 -4.11 3.89
N TYR A 245 -8.06 -3.74 4.08
CA TYR A 245 -9.09 -4.77 4.12
C TYR A 245 -9.17 -5.48 2.79
N GLN A 246 -9.34 -4.71 1.73
CA GLN A 246 -9.51 -5.25 0.41
C GLN A 246 -8.24 -5.93 -0.07
N GLU A 247 -7.08 -5.36 0.26
CA GLU A 247 -5.84 -6.01 -0.13
C GLU A 247 -5.68 -7.35 0.58
N GLY A 248 -6.09 -7.43 1.83
CA GLY A 248 -6.00 -8.67 2.57
C GLY A 248 -7.09 -9.65 2.19
N ALA A 249 -8.28 -9.14 1.92
CA ALA A 249 -9.44 -9.99 1.67
C ALA A 249 -9.69 -10.26 0.19
N GLY A 250 -9.25 -9.34 -0.66
CA GLY A 250 -9.48 -9.48 -2.09
C GLY A 250 -10.94 -9.65 -2.42
N GLU A 251 -11.25 -10.56 -3.33
CA GLU A 251 -12.61 -10.75 -3.79
C GLU A 251 -13.54 -11.30 -2.70
N LEU A 252 -12.99 -11.66 -1.55
CA LEU A 252 -13.83 -12.16 -0.45
C LEU A 252 -14.54 -11.01 0.26
N THR A 253 -14.27 -9.78 -0.17
CA THR A 253 -14.92 -8.59 0.38
C THR A 253 -16.39 -8.61 0.02
N LEU A 254 -16.73 -9.34 -1.03
CA LEU A 254 -18.12 -9.54 -1.42
C LEU A 254 -18.93 -10.00 -0.20
N GLY A 255 -19.98 -9.28 0.12
CA GLY A 255 -20.83 -9.65 1.24
C GLY A 255 -20.43 -8.95 2.51
N THR A 256 -19.41 -8.12 2.43
CA THR A 256 -19.06 -7.27 3.56
C THR A 256 -19.91 -6.01 3.46
N LEU A 257 -20.53 -5.63 4.56
CA LEU A 257 -21.29 -4.40 4.57
C LEU A 257 -20.80 -3.52 5.70
N GLY A 258 -21.12 -2.23 5.64
CA GLY A 258 -20.65 -1.33 6.67
C GLY A 258 -21.38 -0.01 6.75
N THR A 259 -21.31 0.61 7.92
CA THR A 259 -21.70 2.00 8.09
C THR A 259 -20.48 2.85 7.75
N MSE A 260 -20.68 3.91 6.97
CA MSE A 260 -19.58 4.78 6.57
C MSE A 260 -20.02 6.23 6.50
O MSE A 260 -21.15 6.51 6.10
CB MSE A 260 -19.03 4.38 5.19
CG MSE A 260 -18.63 2.94 5.04
SE MSE A 260 -18.03 2.56 3.23
CE MSE A 260 -16.18 3.15 3.37
N ILE A 261 -19.13 7.14 6.87
CA ILE A 261 -19.32 8.55 6.58
C ILE A 261 -19.50 8.65 5.07
N GLY A 262 -20.63 9.22 4.64
CA GLY A 262 -21.02 9.13 3.23
C GLY A 262 -20.63 10.30 2.31
N ALA A 263 -19.67 11.11 2.76
CA ALA A 263 -19.29 12.33 2.05
C ALA A 263 -18.92 12.16 0.57
N PHE A 264 -18.45 10.97 0.19
CA PHE A 264 -18.02 10.75 -1.18
C PHE A 264 -18.96 9.85 -2.00
N GLY A 265 -20.11 9.54 -1.43
CA GLY A 265 -21.15 8.88 -2.18
C GLY A 265 -22.00 9.86 -2.95
N ASN A 266 -22.43 9.46 -4.14
CA ASN A 266 -23.34 10.26 -4.95
C ASN A 266 -24.75 10.31 -4.39
N PRO A 267 -25.36 11.51 -4.40
CA PRO A 267 -24.72 12.74 -4.87
C PRO A 267 -23.97 13.47 -3.74
N MSE A 268 -22.76 13.94 -4.06
CA MSE A 268 -21.93 14.61 -3.07
C MSE A 268 -22.42 16.03 -2.81
O MSE A 268 -22.97 16.65 -3.70
CB MSE A 268 -20.50 14.72 -3.59
CG MSE A 268 -19.82 13.43 -3.95
SE MSE A 268 -17.94 13.82 -4.21
CE MSE A 268 -17.75 13.09 -5.99
N ARG A 269 -22.21 16.53 -1.61
CA ARG A 269 -22.44 17.94 -1.36
C ARG A 269 -21.30 18.70 -2.01
N ALA A 270 -21.57 19.95 -2.41
CA ALA A 270 -20.56 20.78 -3.07
C ALA A 270 -19.16 20.77 -2.44
N PRO A 271 -19.06 20.95 -1.11
CA PRO A 271 -17.70 21.02 -0.55
C PRO A 271 -16.97 19.69 -0.60
N ALA A 272 -17.72 18.59 -0.55
CA ALA A 272 -17.14 17.28 -0.69
C ALA A 272 -16.71 17.15 -2.14
N ALA A 273 -17.60 17.57 -3.04
CA ALA A 273 -17.30 17.55 -4.45
C ALA A 273 -16.08 18.44 -4.81
N ASP A 274 -15.99 19.62 -4.20
CA ASP A 274 -14.88 20.51 -4.49
C ASP A 274 -13.57 19.98 -3.92
N PHE A 275 -13.64 19.42 -2.72
CA PHE A 275 -12.46 18.86 -2.10
C PHE A 275 -11.88 17.76 -2.96
N ALA A 276 -12.75 16.92 -3.49
CA ALA A 276 -12.33 15.82 -4.34
C ALA A 276 -11.56 16.36 -5.53
N LYS A 277 -12.00 17.50 -6.05
CA LYS A 277 -11.35 18.06 -7.22
C LYS A 277 -9.92 18.52 -6.87
N ALA A 278 -9.79 19.20 -5.73
CA ALA A 278 -8.49 19.69 -5.26
C ALA A 278 -7.55 18.55 -4.92
N TYR A 279 -8.10 17.50 -4.32
CA TYR A 279 -7.29 16.38 -3.92
C TYR A 279 -6.65 15.69 -5.10
N LYS A 280 -7.45 15.42 -6.13
CA LYS A 280 -6.93 14.77 -7.33
C LYS A 280 -5.96 15.69 -8.08
N ALA A 281 -6.27 16.98 -8.07
CA ALA A 281 -5.39 17.98 -8.66
C ALA A 281 -4.00 17.88 -8.06
N LYS A 282 -3.94 17.64 -6.75
CA LYS A 282 -2.66 17.62 -6.04
C LYS A 282 -1.99 16.24 -6.02
N TYR A 283 -2.75 15.21 -5.69
CA TYR A 283 -2.19 13.89 -5.43
C TYR A 283 -2.47 12.85 -6.51
N GLY A 284 -3.43 13.13 -7.38
CA GLY A 284 -3.81 12.18 -8.40
C GLY A 284 -4.65 11.04 -7.87
N THR A 285 -4.79 9.99 -8.68
CA THR A 285 -5.56 8.80 -8.34
C THR A 285 -4.75 7.92 -7.41
N ASP A 286 -4.41 8.48 -6.25
CA ASP A 286 -3.46 7.84 -5.35
C ASP A 286 -4.11 6.73 -4.53
N ARG A 287 -3.41 6.30 -3.51
CA ARG A 287 -3.87 5.21 -2.68
C ARG A 287 -5.21 5.55 -2.02
N TRP A 288 -5.43 6.83 -1.74
CA TRP A 288 -6.63 7.28 -1.06
C TRP A 288 -7.78 7.54 -2.02
N TRP A 289 -7.48 8.09 -3.18
CA TRP A 289 -8.49 8.22 -4.20
C TRP A 289 -9.06 6.86 -4.57
N GLY A 290 -8.16 5.92 -4.87
CA GLY A 290 -8.55 4.58 -5.23
C GLY A 290 -8.35 4.32 -6.71
N ASN A 291 -9.02 3.31 -7.24
CA ASN A 291 -8.80 2.92 -8.63
C ASN A 291 -9.86 3.32 -9.65
N ASP A 292 -10.81 4.17 -9.25
CA ASP A 292 -11.73 4.79 -10.19
C ASP A 292 -11.34 6.24 -10.36
N PRO A 293 -10.81 6.59 -11.52
CA PRO A 293 -10.39 7.97 -11.75
C PRO A 293 -11.58 8.95 -11.77
N GLU A 294 -12.79 8.44 -11.99
CA GLU A 294 -13.97 9.28 -12.03
C GLU A 294 -14.60 9.45 -10.65
N ASN A 295 -14.37 8.46 -9.80
CA ASN A 295 -15.00 8.43 -8.49
C ASN A 295 -13.97 8.22 -7.40
N PRO A 296 -13.92 9.14 -6.44
CA PRO A 296 -13.08 8.98 -5.26
C PRO A 296 -13.70 7.91 -4.37
N GLN A 297 -12.92 7.06 -3.74
CA GLN A 297 -13.52 6.01 -2.92
C GLN A 297 -14.11 6.51 -1.58
N LEU A 298 -15.15 5.82 -1.11
CA LEU A 298 -15.90 6.20 0.10
C LEU A 298 -15.03 6.37 1.36
N PHE A 299 -14.05 5.50 1.52
CA PHE A 299 -13.17 5.49 2.70
C PHE A 299 -12.39 6.80 2.91
N MSE A 300 -12.31 7.64 1.88
CA MSE A 300 -11.61 8.93 2.01
C MSE A 300 -12.14 9.82 3.14
O MSE A 300 -11.39 10.61 3.72
CB MSE A 300 -11.66 9.69 0.68
CG MSE A 300 -10.55 9.32 -0.28
SE MSE A 300 -10.40 10.52 -1.81
CE MSE A 300 -11.06 12.13 -0.97
N ALA A 301 -13.42 9.67 3.48
CA ALA A 301 -14.02 10.52 4.49
C ALA A 301 -13.35 10.30 5.84
N ILE A 302 -13.05 9.04 6.16
CA ILE A 302 -12.50 8.69 7.47
C ILE A 302 -10.98 8.65 7.46
N SER A 303 -10.39 8.63 6.27
CA SER A 303 -8.95 8.60 6.16
C SER A 303 -8.33 9.95 5.78
N VAL A 304 -9.10 10.82 5.14
CA VAL A 304 -8.55 12.08 4.63
C VAL A 304 -9.32 13.34 5.07
N SER A 305 -10.59 13.44 4.71
CA SER A 305 -11.29 14.71 4.83
C SER A 305 -11.67 15.09 6.26
N ASN A 306 -11.64 14.13 7.17
CA ASN A 306 -11.74 14.51 8.58
C ASN A 306 -10.52 15.32 8.99
N GLY A 307 -9.35 14.93 8.50
CA GLY A 307 -8.16 15.73 8.72
C GLY A 307 -8.34 17.08 8.10
N TYR A 308 -8.94 17.10 6.92
CA TYR A 308 -9.19 18.34 6.17
C TYR A 308 -10.09 19.30 6.93
N ASP A 309 -11.23 18.80 7.38
CA ASP A 309 -12.16 19.60 8.15
C ASP A 309 -11.52 20.11 9.46
N ALA A 310 -10.71 19.26 10.09
CA ALA A 310 -10.08 19.62 11.35
C ALA A 310 -9.14 20.80 11.18
N ALA A 311 -8.37 20.77 10.11
CA ALA A 311 -7.42 21.82 9.80
C ALA A 311 -8.16 23.12 9.50
N ASN A 312 -9.07 23.06 8.53
CA ASN A 312 -9.84 24.23 8.13
C ASN A 312 -10.57 24.87 9.28
N ILE A 313 -11.08 24.07 10.20
CA ILE A 313 -11.81 24.61 11.33
C ILE A 313 -10.85 25.25 12.34
N LEU A 314 -9.73 24.58 12.61
CA LEU A 314 -8.73 25.16 13.49
C LEU A 314 -8.29 26.52 12.95
N PHE A 315 -8.06 26.58 11.64
CA PHE A 315 -7.58 27.82 11.03
C PHE A 315 -8.64 28.91 11.12
N GLU A 316 -9.88 28.51 10.89
CA GLU A 316 -11.01 29.43 10.97
C GLU A 316 -11.17 30.02 12.37
N GLY A 317 -10.95 29.19 13.39
CA GLY A 317 -10.97 29.68 14.76
C GLY A 317 -9.93 30.77 14.94
N ILE A 318 -8.73 30.53 14.43
CA ILE A 318 -7.66 31.51 14.55
C ILE A 318 -7.99 32.80 13.83
N ARG A 319 -8.56 32.65 12.64
CA ARG A 319 -8.95 33.80 11.84
C ARG A 319 -9.96 34.66 12.60
N LEU A 320 -10.90 34.01 13.27
CA LEU A 320 -11.99 34.70 13.98
C LEU A 320 -11.57 35.26 15.34
N ALA A 321 -10.56 34.64 15.97
CA ALA A 321 -10.10 35.08 17.28
C ALA A 321 -9.19 36.29 17.15
N ASN A 322 -8.51 36.39 16.01
CA ASN A 322 -7.52 37.42 15.72
C ASN A 322 -6.31 37.32 16.63
N SER A 323 -6.15 36.15 17.25
CA SER A 323 -5.03 35.88 18.15
C SER A 323 -4.66 34.41 18.07
N THR A 324 -3.61 34.02 18.78
CA THR A 324 -3.22 32.61 18.87
C THR A 324 -3.39 32.11 20.29
N ASP A 325 -3.90 32.97 21.16
CA ASP A 325 -4.18 32.59 22.52
C ASP A 325 -5.18 31.46 22.51
N PRO A 326 -4.84 30.35 23.19
CA PRO A 326 -5.66 29.15 23.20
C PRO A 326 -7.12 29.45 23.51
N LYS A 327 -7.35 29.97 24.71
CA LYS A 327 -8.67 30.27 25.24
C LYS A 327 -9.50 31.09 24.27
N ALA A 328 -8.84 32.00 23.57
CA ALA A 328 -9.47 32.80 22.53
C ALA A 328 -9.89 31.94 21.37
N VAL A 329 -8.94 31.20 20.82
CA VAL A 329 -9.18 30.31 19.68
C VAL A 329 -10.31 29.34 19.99
N ILE A 330 -10.23 28.72 21.16
CA ILE A 330 -11.29 27.86 21.65
C ILE A 330 -12.64 28.53 21.54
N ALA A 331 -12.73 29.76 22.06
CA ALA A 331 -13.96 30.54 21.99
C ALA A 331 -14.42 30.78 20.55
N ALA A 332 -13.48 31.10 19.68
CA ALA A 332 -13.77 31.38 18.27
C ALA A 332 -14.37 30.18 17.56
N ILE A 333 -13.74 29.04 17.74
CA ILE A 333 -14.28 27.82 17.15
C ILE A 333 -15.73 27.63 17.60
N GLU A 334 -16.04 28.04 18.82
CA GLU A 334 -17.40 27.93 19.32
C GLU A 334 -18.30 28.95 18.65
N SER A 335 -17.70 29.97 18.05
CA SER A 335 -18.49 30.97 17.32
C SER A 335 -18.96 30.36 16.03
N ILE A 336 -18.16 29.45 15.51
CA ILE A 336 -18.43 28.90 14.19
C ILE A 336 -19.69 28.07 14.12
N LYS A 337 -20.68 28.62 13.43
CA LYS A 337 -21.96 27.94 13.23
C LYS A 337 -22.16 27.72 11.73
N ASP A 338 -22.88 26.66 11.39
CA ASP A 338 -23.18 26.32 10.00
C ASP A 338 -21.97 26.20 9.07
N TYR A 339 -20.86 25.67 9.57
CA TYR A 339 -19.69 25.51 8.72
C TYR A 339 -19.87 24.30 7.84
N GLN A 340 -19.92 24.55 6.54
CA GLN A 340 -20.08 23.50 5.56
C GLN A 340 -18.78 22.75 5.35
N GLY A 341 -18.53 21.75 6.19
CA GLY A 341 -17.30 20.98 6.10
C GLY A 341 -17.48 19.89 5.07
N VAL A 342 -16.40 19.20 4.72
CA VAL A 342 -16.47 18.11 3.76
C VAL A 342 -17.35 16.98 4.28
N ASN A 343 -17.11 16.59 5.53
CA ASN A 343 -17.80 15.43 6.09
C ASN A 343 -19.17 15.74 6.69
N THR A 344 -19.42 17.00 7.04
CA THR A 344 -20.66 17.41 7.67
C THR A 344 -20.69 18.91 7.78
N ALA A 345 -21.87 19.45 8.03
CA ALA A 345 -21.99 20.83 8.43
C ALA A 345 -21.51 20.88 9.87
N TYR A 346 -20.70 21.86 10.19
CA TYR A 346 -20.21 21.99 11.56
C TYR A 346 -20.92 23.13 12.24
N THR A 347 -21.39 22.87 13.46
CA THR A 347 -21.98 23.89 14.32
C THR A 347 -21.58 23.61 15.75
N PHE A 348 -20.46 24.20 16.16
CA PHE A 348 -19.94 24.01 17.49
C PHE A 348 -20.60 25.01 18.45
N SER A 349 -20.54 24.72 19.74
CA SER A 349 -21.01 25.63 20.78
C SER A 349 -20.08 25.39 21.94
N LYS A 350 -20.21 26.18 23.01
CA LYS A 350 -19.28 26.06 24.12
C LYS A 350 -19.36 24.69 24.77
N GLU A 351 -20.39 23.94 24.41
CA GLU A 351 -20.61 22.62 24.97
C GLU A 351 -20.66 21.51 23.91
N ARG A 352 -20.70 21.89 22.64
CA ARG A 352 -20.71 20.88 21.58
C ARG A 352 -19.44 20.91 20.77
N HIS A 353 -18.63 19.88 20.96
CA HIS A 353 -17.32 19.80 20.33
C HIS A 353 -17.16 18.71 19.26
N HIS A 354 -18.26 18.18 18.78
CA HIS A 354 -18.26 17.23 17.67
C HIS A 354 -19.21 17.73 16.59
N GLY A 355 -19.08 17.17 15.39
CA GLY A 355 -19.90 17.54 14.28
C GLY A 355 -20.75 16.47 13.61
N ILE A 356 -20.14 15.36 13.25
CA ILE A 356 -20.83 14.34 12.52
C ILE A 356 -21.97 13.74 13.32
N GLU A 357 -23.08 13.55 12.63
CA GLU A 357 -24.30 12.97 13.15
C GLU A 357 -24.78 11.95 12.13
N THR A 358 -25.75 11.15 12.51
CA THR A 358 -26.19 10.01 11.69
C THR A 358 -26.51 10.34 10.24
N ASP A 359 -26.99 11.56 9.97
CA ASP A 359 -27.28 11.97 8.60
C ASP A 359 -26.03 11.98 7.70
N GLY A 360 -24.85 11.96 8.32
CA GLY A 360 -23.60 11.89 7.57
C GLY A 360 -23.14 10.48 7.29
N VAL A 361 -23.88 9.50 7.80
CA VAL A 361 -23.52 8.09 7.66
C VAL A 361 -24.63 7.32 6.96
N LYS A 362 -24.24 6.36 6.10
CA LYS A 362 -25.19 5.46 5.46
C LYS A 362 -24.64 4.04 5.62
N VAL A 363 -25.40 3.03 5.18
CA VAL A 363 -24.92 1.66 5.11
C VAL A 363 -24.60 1.30 3.68
N PHE A 364 -23.42 0.73 3.47
CA PHE A 364 -23.00 0.33 2.13
C PHE A 364 -22.68 -1.15 2.08
N GLU A 365 -22.55 -1.70 0.88
CA GLU A 365 -22.22 -3.11 0.74
C GLU A 365 -21.36 -3.36 -0.47
N TYR A 366 -20.44 -4.32 -0.35
CA TYR A 366 -19.61 -4.73 -1.47
C TYR A 366 -20.40 -5.60 -2.40
N VAL A 367 -20.63 -5.09 -3.60
CA VAL A 367 -21.37 -5.84 -4.61
C VAL A 367 -20.49 -5.83 -5.85
N LYS A 368 -20.80 -6.70 -6.81
CA LYS A 368 -19.95 -6.82 -7.99
C LYS A 368 -20.64 -6.36 -9.26
N LYS A 369 -19.87 -5.73 -10.16
CA LYS A 369 -20.30 -5.54 -11.54
C LYS A 369 -19.30 -6.17 -12.49
N GLY A 370 -19.80 -6.96 -13.45
CA GLY A 370 -18.96 -7.70 -14.37
C GLY A 370 -17.99 -8.56 -13.58
N ASP A 371 -16.70 -8.24 -13.69
CA ASP A 371 -15.73 -8.77 -12.75
C ASP A 371 -15.04 -7.61 -12.03
N LYS A 372 -15.81 -6.96 -11.16
CA LYS A 372 -15.33 -5.83 -10.34
C LYS A 372 -16.26 -5.59 -9.14
N ILE A 373 -15.74 -5.79 -7.93
CA ILE A 373 -16.54 -5.66 -6.71
C ILE A 373 -16.55 -4.23 -6.17
N ARG A 374 -17.74 -3.64 -6.08
CA ARG A 374 -17.91 -2.23 -5.75
C ARG A 374 -18.75 -2.05 -4.50
N LEU A 375 -18.39 -1.06 -3.69
CA LEU A 375 -19.27 -0.61 -2.62
C LEU A 375 -20.47 0.07 -3.25
N GLU A 376 -21.65 -0.19 -2.73
N GLU A 376 -21.64 -0.19 -2.68
CA GLU A 376 -22.81 0.55 -3.19
CA GLU A 376 -22.90 0.37 -3.14
C GLU A 376 -23.77 0.74 -2.03
C GLU A 376 -23.73 0.78 -1.92
N PRO A 377 -24.56 1.82 -2.06
CA PRO A 377 -25.53 2.12 -1.00
C PRO A 377 -26.50 0.95 -0.78
N ILE A 378 -26.72 0.57 0.47
CA ILE A 378 -27.56 -0.59 0.82
C ILE A 378 -28.95 -0.64 0.14
N ASP B 5 -13.38 -29.99 -18.42
CA ASP B 5 -11.96 -30.28 -18.52
C ASP B 5 -11.11 -29.03 -18.80
N THR B 6 -10.13 -28.79 -17.92
CA THR B 6 -9.33 -27.57 -17.99
C THR B 6 -7.84 -27.84 -17.98
N ILE B 7 -7.06 -26.78 -18.17
CA ILE B 7 -5.61 -26.85 -18.02
C ILE B 7 -5.17 -26.07 -16.77
N LYS B 8 -4.43 -26.75 -15.89
CA LYS B 8 -4.17 -26.24 -14.55
C LYS B 8 -2.72 -25.84 -14.32
N ILE B 9 -2.51 -24.60 -13.87
CA ILE B 9 -1.17 -24.17 -13.53
C ILE B 9 -1.08 -23.83 -12.05
N GLY B 10 0.14 -23.81 -11.53
CA GLY B 10 0.37 -23.47 -10.15
C GLY B 10 1.29 -22.27 -10.05
N MSE B 11 1.17 -21.52 -8.97
CA MSE B 11 2.00 -20.36 -8.78
C MSE B 11 2.18 -20.08 -7.30
O MSE B 11 1.27 -20.36 -6.51
CB MSE B 11 1.37 -19.15 -9.45
CG MSE B 11 2.06 -17.83 -9.17
SE MSE B 11 1.18 -16.38 -10.11
CE MSE B 11 1.88 -14.90 -9.04
N THR B 12 3.35 -19.56 -6.93
CA THR B 12 3.56 -18.98 -5.62
C THR B 12 4.38 -17.71 -5.77
N SER B 13 4.07 -16.69 -4.97
CA SER B 13 4.81 -15.44 -5.00
C SER B 13 4.55 -14.59 -3.74
N ALA B 14 5.24 -13.46 -3.63
CA ALA B 14 5.08 -12.59 -2.47
C ALA B 14 3.75 -11.86 -2.58
N LEU B 15 2.66 -12.53 -2.23
CA LEU B 15 1.35 -11.94 -2.37
C LEU B 15 1.03 -11.01 -1.22
N THR B 16 1.68 -11.24 -0.08
CA THR B 16 1.65 -10.31 1.05
C THR B 16 3.06 -10.07 1.56
N GLY B 17 3.18 -9.14 2.51
CA GLY B 17 4.48 -8.85 3.10
C GLY B 17 5.08 -7.57 2.55
N PRO B 18 6.28 -7.20 3.04
CA PRO B 18 6.85 -5.89 2.70
C PRO B 18 7.39 -5.82 1.26
N TYR B 19 7.23 -6.88 0.49
CA TYR B 19 7.71 -6.93 -0.89
C TYR B 19 6.62 -7.42 -1.83
N ASN B 20 5.37 -7.28 -1.42
CA ASN B 20 4.25 -7.83 -2.18
C ASN B 20 3.90 -7.07 -3.46
N GLU B 21 4.58 -5.96 -3.71
CA GLU B 21 4.39 -5.27 -4.96
C GLU B 21 4.79 -6.17 -6.13
N PHE B 22 5.68 -7.12 -5.87
CA PHE B 22 6.08 -8.08 -6.88
C PHE B 22 5.12 -9.25 -7.05
N GLY B 23 4.68 -9.85 -5.95
CA GLY B 23 3.82 -11.01 -6.03
C GLY B 23 2.38 -10.69 -6.41
N GLU B 24 1.78 -9.71 -5.75
CA GLU B 24 0.40 -9.36 -6.08
C GLU B 24 0.34 -8.70 -7.45
N GLY B 25 1.41 -8.00 -7.82
CA GLY B 25 1.59 -7.47 -9.16
C GLY B 25 1.59 -8.57 -10.20
N ASN B 26 2.42 -9.59 -10.02
CA ASN B 26 2.46 -10.71 -10.95
C ASN B 26 1.15 -11.48 -10.99
N ARG B 27 0.48 -11.59 -9.84
N ARG B 27 0.49 -11.58 -9.83
CA ARG B 27 -0.78 -12.32 -9.75
CA ARG B 27 -0.78 -12.30 -9.70
C ARG B 27 -1.84 -11.66 -10.61
C ARG B 27 -1.85 -11.65 -10.56
N ARG B 28 -1.98 -10.34 -10.46
CA ARG B 28 -2.95 -9.60 -11.24
C ARG B 28 -2.70 -9.79 -12.73
N ALA B 29 -1.43 -9.89 -13.10
CA ALA B 29 -1.04 -10.00 -14.50
C ALA B 29 -1.32 -11.36 -15.08
N VAL B 30 -0.96 -12.40 -14.31
CA VAL B 30 -1.20 -13.77 -14.75
C VAL B 30 -2.70 -14.04 -14.88
N GLU B 31 -3.46 -13.56 -13.91
CA GLU B 31 -4.90 -13.69 -13.93
C GLU B 31 -5.46 -12.96 -15.16
N LEU B 32 -4.82 -11.89 -15.57
CA LEU B 32 -5.23 -11.17 -16.77
C LEU B 32 -4.91 -11.97 -18.02
N ALA B 33 -3.73 -12.57 -18.09
CA ALA B 33 -3.38 -13.41 -19.23
C ALA B 33 -4.31 -14.63 -19.32
N VAL B 34 -4.64 -15.22 -18.18
CA VAL B 34 -5.52 -16.37 -18.15
C VAL B 34 -6.92 -16.00 -18.61
N GLU B 35 -7.38 -14.85 -18.19
CA GLU B 35 -8.74 -14.42 -18.51
C GLU B 35 -8.89 -14.12 -19.99
N GLN B 36 -7.86 -13.50 -20.57
CA GLN B 36 -7.89 -13.13 -21.96
C GLN B 36 -7.85 -14.37 -22.83
N TRP B 37 -7.03 -15.34 -22.44
CA TRP B 37 -6.88 -16.56 -23.24
C TRP B 37 -8.16 -17.35 -23.21
N ASN B 38 -8.74 -17.47 -22.02
CA ASN B 38 -9.94 -18.27 -21.85
C ASN B 38 -11.13 -17.71 -22.61
N ALA B 39 -11.03 -16.44 -23.00
CA ALA B 39 -12.03 -15.84 -23.89
C ALA B 39 -11.83 -16.31 -25.33
N LYS B 40 -10.66 -16.86 -25.64
CA LYS B 40 -10.44 -17.45 -26.96
C LYS B 40 -10.78 -18.95 -26.87
N GLY B 41 -11.47 -19.33 -25.79
CA GLY B 41 -11.81 -20.72 -25.55
C GLY B 41 -10.81 -21.45 -24.67
N GLY B 42 -9.76 -20.75 -24.24
CA GLY B 42 -8.71 -21.36 -23.45
C GLY B 42 -7.53 -21.65 -24.35
N ILE B 43 -6.81 -22.71 -24.04
CA ILE B 43 -5.74 -23.16 -24.92
C ILE B 43 -6.28 -24.29 -25.75
N ASN B 44 -6.46 -24.01 -27.05
CA ASN B 44 -7.11 -24.93 -27.96
C ASN B 44 -8.38 -25.56 -27.39
N GLY B 45 -9.26 -24.72 -26.83
CA GLY B 45 -10.57 -25.17 -26.42
C GLY B 45 -10.71 -25.64 -24.99
N LYS B 46 -9.57 -25.79 -24.30
CA LYS B 46 -9.59 -26.16 -22.89
C LYS B 46 -9.29 -24.95 -22.03
N LYS B 47 -10.17 -24.72 -21.06
CA LYS B 47 -10.05 -23.55 -20.20
C LYS B 47 -8.80 -23.64 -19.33
N ILE B 48 -8.20 -22.50 -19.01
CA ILE B 48 -7.05 -22.45 -18.11
C ILE B 48 -7.52 -22.11 -16.71
N GLU B 49 -6.94 -22.76 -15.70
CA GLU B 49 -7.23 -22.43 -14.32
C GLU B 49 -5.96 -22.41 -13.46
N ILE B 50 -5.89 -21.43 -12.57
CA ILE B 50 -4.80 -21.36 -11.62
C ILE B 50 -5.14 -22.33 -10.50
N ALA B 51 -4.62 -23.55 -10.62
CA ALA B 51 -4.97 -24.64 -9.71
C ALA B 51 -4.55 -24.36 -8.28
N MSE B 52 -3.35 -23.84 -8.12
CA MSE B 52 -2.84 -23.50 -6.80
C MSE B 52 -2.13 -22.16 -6.87
O MSE B 52 -1.31 -21.93 -7.75
CB MSE B 52 -1.87 -24.56 -6.31
CG MSE B 52 -2.51 -25.92 -6.20
SE MSE B 52 -1.18 -27.30 -6.04
CE MSE B 52 -0.51 -26.78 -4.29
N LEU B 53 -2.47 -21.28 -5.94
CA LEU B 53 -1.87 -19.94 -5.86
C LEU B 53 -1.52 -19.63 -4.42
N LEU B 54 -0.22 -19.65 -4.13
CA LEU B 54 0.27 -19.63 -2.75
C LEU B 54 1.09 -18.35 -2.48
N ASP B 55 1.19 -17.96 -1.21
CA ASP B 55 1.89 -16.75 -0.79
C ASP B 55 3.14 -17.11 0.00
N ASP B 56 4.31 -16.75 -0.52
CA ASP B 56 5.54 -17.04 0.18
C ASP B 56 6.19 -15.80 0.75
N GLN B 57 5.52 -14.65 0.57
CA GLN B 57 5.96 -13.41 1.18
C GLN B 57 7.41 -13.03 0.88
N LEU B 58 7.90 -13.50 -0.26
CA LEU B 58 9.31 -13.36 -0.64
C LEU B 58 10.24 -14.06 0.34
N ASN B 59 9.69 -14.98 1.12
CA ASN B 59 10.48 -15.76 2.08
C ASN B 59 10.92 -17.08 1.49
N PRO B 60 12.25 -17.33 1.49
CA PRO B 60 12.72 -18.55 0.82
C PRO B 60 12.18 -19.83 1.44
N ASP B 61 12.09 -19.90 2.76
CA ASP B 61 11.56 -21.09 3.41
C ASP B 61 10.10 -21.37 3.04
N ARG B 62 9.27 -20.34 2.98
N ARG B 62 9.26 -20.34 2.98
CA ARG B 62 7.88 -20.47 2.55
CA ARG B 62 7.89 -20.48 2.54
C ARG B 62 7.84 -20.94 1.10
C ARG B 62 7.84 -20.97 1.10
N ALA B 63 8.67 -20.34 0.25
CA ALA B 63 8.73 -20.69 -1.16
C ALA B 63 9.02 -22.17 -1.36
N VAL B 64 10.04 -22.66 -0.68
CA VAL B 64 10.38 -24.07 -0.69
C VAL B 64 9.20 -24.97 -0.33
N GLN B 65 8.51 -24.63 0.76
CA GLN B 65 7.27 -25.33 1.10
C GLN B 65 6.23 -25.26 -0.02
N ASN B 66 5.97 -24.05 -0.51
CA ASN B 66 4.94 -23.84 -1.52
C ASN B 66 5.25 -24.54 -2.82
N ILE B 67 6.53 -24.52 -3.21
CA ILE B 67 6.96 -25.23 -4.40
C ILE B 67 6.83 -26.73 -4.19
N ARG B 68 7.24 -27.20 -3.01
CA ARG B 68 6.99 -28.59 -2.65
C ARG B 68 5.52 -28.95 -2.88
N ALA B 69 4.62 -28.12 -2.37
CA ALA B 69 3.19 -28.37 -2.47
C ALA B 69 2.72 -28.47 -3.91
N ILE B 70 3.05 -27.46 -4.71
CA ILE B 70 2.70 -27.46 -6.12
C ILE B 70 3.30 -28.67 -6.85
N LEU B 71 4.57 -28.95 -6.60
CA LEU B 71 5.25 -30.07 -7.26
C LEU B 71 4.61 -31.41 -6.94
N ASP B 72 3.75 -31.44 -5.92
CA ASP B 72 3.07 -32.68 -5.53
C ASP B 72 1.84 -32.99 -6.38
N ASN B 73 1.33 -31.98 -7.09
CA ASN B 73 0.22 -32.18 -8.00
C ASN B 73 0.81 -32.64 -9.32
N LYS B 74 0.72 -33.93 -9.62
CA LYS B 74 1.28 -34.47 -10.86
C LYS B 74 0.56 -33.89 -12.06
N ASP B 75 -0.58 -33.25 -11.80
CA ASP B 75 -1.38 -32.66 -12.85
C ASP B 75 -1.08 -31.18 -13.13
N ILE B 76 -0.20 -30.59 -12.33
CA ILE B 76 0.29 -29.26 -12.70
C ILE B 76 1.26 -29.46 -13.87
N VAL B 77 1.03 -28.76 -14.96
CA VAL B 77 1.88 -28.96 -16.13
C VAL B 77 2.84 -27.79 -16.35
N GLY B 78 2.66 -26.74 -15.57
CA GLY B 78 3.52 -25.56 -15.63
C GLY B 78 3.37 -24.66 -14.41
N ILE B 79 4.44 -23.98 -14.04
CA ILE B 79 4.44 -23.18 -12.82
C ILE B 79 4.96 -21.78 -13.04
N ILE B 80 4.23 -20.81 -12.50
CA ILE B 80 4.70 -19.44 -12.45
C ILE B 80 5.41 -19.26 -11.12
N GLY B 81 6.71 -19.01 -11.14
CA GLY B 81 7.52 -19.05 -9.92
C GLY B 81 7.55 -17.76 -9.14
N PRO B 82 8.09 -17.82 -7.92
CA PRO B 82 8.10 -16.68 -7.00
C PRO B 82 9.05 -15.58 -7.40
N ALA B 83 8.66 -14.36 -7.05
CA ALA B 83 9.52 -13.19 -7.07
C ALA B 83 10.75 -13.44 -6.20
N GLY B 84 11.90 -12.89 -6.60
CA GLY B 84 13.07 -12.89 -5.73
C GLY B 84 14.10 -13.98 -5.93
N SER B 85 15.37 -13.58 -5.96
CA SER B 85 16.46 -14.53 -6.18
C SER B 85 16.62 -15.43 -4.97
N GLY B 86 16.26 -14.94 -3.79
CA GLY B 86 16.26 -15.75 -2.58
C GLY B 86 15.41 -16.99 -2.66
N PRO B 87 14.09 -16.81 -2.84
CA PRO B 87 13.18 -17.92 -3.04
C PRO B 87 13.60 -18.76 -4.23
N MSE B 88 14.03 -18.10 -5.30
CA MSE B 88 14.38 -18.76 -6.55
C MSE B 88 15.55 -19.72 -6.38
O MSE B 88 15.49 -20.86 -6.84
CB MSE B 88 14.70 -17.72 -7.62
CG MSE B 88 14.99 -18.33 -8.97
SE MSE B 88 13.64 -19.63 -9.49
CE MSE B 88 14.33 -20.22 -11.20
N LEU B 89 16.62 -19.27 -5.74
CA LEU B 89 17.75 -20.14 -5.49
C LEU B 89 17.40 -21.22 -4.47
N ALA B 90 16.38 -20.95 -3.66
CA ALA B 90 15.93 -21.90 -2.67
C ALA B 90 15.18 -23.08 -3.31
N VAL B 91 14.54 -22.85 -4.44
CA VAL B 91 13.69 -23.87 -5.04
C VAL B 91 14.22 -24.42 -6.36
N ILE B 92 15.25 -23.78 -6.90
CA ILE B 92 15.68 -24.07 -8.26
C ILE B 92 16.10 -25.54 -8.33
N ASP B 93 16.71 -26.00 -7.26
CA ASP B 93 17.19 -27.35 -7.17
C ASP B 93 16.07 -28.36 -7.41
N MSE B 94 14.97 -28.21 -6.68
CA MSE B 94 13.85 -29.09 -6.86
C MSE B 94 13.29 -28.92 -8.26
O MSE B 94 12.95 -29.87 -8.92
CB MSE B 94 12.73 -28.76 -5.87
CG MSE B 94 13.09 -28.83 -4.42
SE MSE B 94 11.54 -28.54 -3.30
CE MSE B 94 11.64 -26.63 -3.11
N VAL B 95 13.20 -27.66 -8.68
CA VAL B 95 12.57 -27.34 -9.92
C VAL B 95 13.26 -27.92 -11.13
N GLN B 96 14.59 -27.81 -11.19
CA GLN B 96 15.33 -28.33 -12.33
C GLN B 96 15.25 -29.85 -12.34
N ALA B 97 15.40 -30.45 -11.16
CA ALA B 97 15.35 -31.88 -11.04
C ALA B 97 13.99 -32.39 -11.50
N ASP B 98 12.97 -31.61 -11.19
CA ASP B 98 11.60 -31.99 -11.46
C ASP B 98 11.33 -32.14 -12.95
N GLY B 99 11.66 -31.10 -13.72
CA GLY B 99 11.60 -31.18 -15.16
C GLY B 99 10.53 -30.34 -15.82
N ARG B 100 9.46 -30.04 -15.10
CA ARG B 100 8.32 -29.33 -15.66
C ARG B 100 8.64 -27.87 -16.01
N PRO B 101 7.98 -27.34 -17.04
CA PRO B 101 8.16 -25.95 -17.46
C PRO B 101 7.90 -24.96 -16.33
N TYR B 102 8.88 -24.13 -16.06
CA TYR B 102 8.83 -23.21 -14.94
C TYR B 102 9.23 -21.82 -15.42
N MSE B 103 8.36 -20.85 -15.22
CA MSE B 103 8.67 -19.50 -15.65
C MSE B 103 9.26 -18.71 -14.48
O MSE B 103 8.74 -18.77 -13.36
CB MSE B 103 7.40 -18.81 -16.19
CG MSE B 103 6.56 -19.64 -17.17
SE MSE B 103 7.30 -19.96 -18.98
CE MSE B 103 8.36 -21.51 -18.58
N ASN B 104 10.36 -17.99 -14.71
CA ASN B 104 10.96 -17.12 -13.69
C ASN B 104 10.72 -15.66 -14.01
N PRO B 105 9.68 -15.08 -13.41
CA PRO B 105 9.28 -13.72 -13.81
C PRO B 105 10.22 -12.60 -13.38
N ILE B 106 10.94 -12.74 -12.27
CA ILE B 106 11.61 -11.59 -11.68
C ILE B 106 13.09 -11.76 -11.30
N ALA B 107 13.44 -12.85 -10.62
CA ALA B 107 14.77 -13.01 -10.04
C ALA B 107 15.90 -12.73 -11.03
N GLN B 108 16.78 -11.80 -10.66
CA GLN B 108 17.78 -11.27 -11.57
C GLN B 108 19.13 -11.98 -11.47
N THR B 109 19.29 -12.85 -10.49
CA THR B 109 20.54 -13.59 -10.36
C THR B 109 20.65 -14.56 -11.54
N PRO B 110 21.73 -14.44 -12.33
CA PRO B 110 21.90 -15.21 -13.57
C PRO B 110 21.89 -16.74 -13.43
N VAL B 111 22.57 -17.32 -12.43
CA VAL B 111 22.64 -18.78 -12.29
C VAL B 111 21.26 -19.39 -12.11
N VAL B 112 20.30 -18.55 -11.80
CA VAL B 112 18.91 -18.94 -11.85
C VAL B 112 18.63 -19.59 -13.20
N THR B 113 19.25 -19.07 -14.25
CA THR B 113 19.06 -19.63 -15.59
C THR B 113 20.32 -20.23 -16.19
N TYR B 114 21.45 -19.58 -15.94
CA TYR B 114 22.71 -20.08 -16.46
C TYR B 114 23.68 -20.29 -15.32
N PRO B 115 23.66 -21.50 -14.75
CA PRO B 115 24.47 -21.87 -13.59
C PRO B 115 25.95 -21.77 -13.91
N GLY B 116 26.30 -21.84 -15.20
CA GLY B 116 27.68 -21.86 -15.65
C GLY B 116 28.36 -20.50 -15.65
N GLU B 117 27.61 -19.47 -15.28
CA GLU B 117 28.11 -18.10 -15.11
C GLU B 117 28.38 -17.40 -16.45
N LYS B 118 28.02 -18.07 -17.55
CA LYS B 118 28.12 -17.46 -18.87
C LYS B 118 26.73 -17.33 -19.46
N THR B 119 26.29 -16.08 -19.63
CA THR B 119 24.91 -15.80 -20.02
C THR B 119 24.61 -16.28 -21.43
N GLY B 120 23.48 -16.95 -21.59
CA GLY B 120 23.00 -17.33 -22.91
C GLY B 120 23.48 -18.70 -23.34
N GLU B 121 24.12 -19.42 -22.42
CA GLU B 121 24.64 -20.75 -22.74
C GLU B 121 24.16 -21.78 -21.73
N LYS B 122 23.69 -22.91 -22.25
CA LYS B 122 23.25 -24.04 -21.43
C LYS B 122 22.30 -23.62 -20.31
N PRO B 123 21.11 -23.13 -20.68
CA PRO B 123 20.14 -22.74 -19.67
C PRO B 123 19.53 -23.96 -19.01
N ARG B 124 19.08 -23.81 -17.77
CA ARG B 124 18.31 -24.85 -17.10
C ARG B 124 17.18 -25.23 -18.06
N PRO B 125 17.14 -26.51 -18.45
CA PRO B 125 16.27 -27.05 -19.50
C PRO B 125 14.79 -26.67 -19.39
N ASN B 126 14.25 -26.60 -18.17
CA ASN B 126 12.82 -26.38 -17.98
C ASN B 126 12.43 -24.96 -17.57
N VAL B 127 13.42 -24.09 -17.48
CA VAL B 127 13.22 -22.77 -16.90
C VAL B 127 13.36 -21.64 -17.90
N PHE B 128 12.36 -20.77 -17.94
CA PHE B 128 12.42 -19.59 -18.79
C PHE B 128 12.24 -18.31 -17.96
N SER B 129 13.03 -17.28 -18.28
CA SER B 129 13.15 -16.11 -17.41
C SER B 129 12.73 -14.82 -18.09
N PHE B 130 11.94 -14.04 -17.38
CA PHE B 130 11.41 -12.79 -17.88
C PHE B 130 12.00 -11.69 -17.05
N ALA B 131 13.08 -12.03 -16.39
CA ALA B 131 13.80 -11.11 -15.54
C ALA B 131 14.72 -10.24 -16.36
N LEU B 132 15.00 -9.06 -15.84
CA LEU B 132 16.16 -8.29 -16.23
C LEU B 132 17.30 -8.90 -15.42
N GLN B 133 18.28 -9.52 -16.09
CA GLN B 133 19.39 -10.11 -15.34
C GLN B 133 20.35 -9.03 -14.87
N ASN B 134 21.03 -9.30 -13.76
CA ASN B 134 21.93 -8.31 -13.19
C ASN B 134 23.12 -7.99 -14.09
N ASP B 135 23.50 -8.93 -14.94
CA ASP B 135 24.62 -8.71 -15.85
C ASP B 135 24.17 -7.94 -17.08
N ILE B 136 22.90 -7.60 -17.13
CA ILE B 136 22.36 -6.77 -18.20
C ILE B 136 21.99 -5.39 -17.67
N GLU B 137 21.45 -5.33 -16.45
CA GLU B 137 21.18 -4.05 -15.82
C GLU B 137 22.47 -3.29 -15.54
N ALA B 138 23.50 -4.01 -15.10
CA ALA B 138 24.78 -3.42 -14.72
C ALA B 138 25.47 -2.74 -15.90
N VAL B 139 25.27 -3.30 -17.08
CA VAL B 139 25.80 -2.71 -18.30
C VAL B 139 25.30 -1.30 -18.41
N ALA B 140 23.99 -1.15 -18.43
CA ALA B 140 23.39 0.16 -18.57
C ALA B 140 23.80 1.07 -17.42
N MSE B 141 23.85 0.49 -16.22
CA MSE B 141 24.08 1.27 -15.01
C MSE B 141 25.54 1.64 -14.84
O MSE B 141 25.87 2.79 -14.57
CB MSE B 141 23.57 0.51 -13.80
CG MSE B 141 23.61 1.33 -12.53
SE MSE B 141 22.73 3.06 -12.66
CE MSE B 141 21.20 2.67 -11.55
N GLY B 142 26.42 0.66 -14.99
CA GLY B 142 27.84 0.91 -14.89
C GLY B 142 28.29 1.90 -15.96
N GLU B 143 27.71 1.78 -17.15
N GLU B 143 27.70 1.78 -17.15
CA GLU B 143 28.00 2.73 -18.21
CA GLU B 143 27.96 2.70 -18.24
C GLU B 143 27.67 4.12 -17.76
C GLU B 143 27.63 4.12 -17.80
N TYR B 144 26.52 4.26 -17.10
CA TYR B 144 26.04 5.56 -16.69
C TYR B 144 26.93 6.17 -15.64
N LEU B 145 27.20 5.40 -14.59
CA LEU B 145 27.97 5.91 -13.46
C LEU B 145 29.41 6.23 -13.85
N ALA B 146 29.98 5.45 -14.75
CA ALA B 146 31.33 5.70 -15.23
C ALA B 146 31.45 7.14 -15.73
N LYS B 147 30.62 7.48 -16.70
CA LYS B 147 30.53 8.84 -17.22
C LYS B 147 30.35 9.85 -16.10
N LYS B 148 29.51 9.50 -15.15
CA LYS B 148 28.95 10.47 -14.22
C LYS B 148 29.81 10.78 -13.01
N PHE B 149 30.29 9.76 -12.31
CA PHE B 149 30.97 9.97 -11.03
C PHE B 149 32.35 9.36 -10.95
N LYS B 150 33.19 9.94 -10.11
CA LYS B 150 34.56 9.47 -9.96
C LYS B 150 34.66 8.57 -8.73
N ARG B 151 33.92 8.91 -7.68
CA ARG B 151 33.95 8.14 -6.45
C ARG B 151 32.57 7.57 -6.16
N VAL B 152 32.44 6.27 -6.34
CA VAL B 152 31.16 5.65 -6.14
C VAL B 152 31.21 4.55 -5.09
N GLY B 153 30.22 4.56 -4.21
CA GLY B 153 30.00 3.46 -3.30
C GLY B 153 28.77 2.67 -3.72
N ILE B 154 28.80 1.37 -3.48
CA ILE B 154 27.66 0.52 -3.78
C ILE B 154 27.16 -0.16 -2.52
N ILE B 155 25.87 -0.01 -2.24
CA ILE B 155 25.27 -0.75 -1.14
C ILE B 155 24.22 -1.71 -1.69
N HIS B 156 24.18 -2.92 -1.18
CA HIS B 156 23.30 -3.95 -1.73
C HIS B 156 22.69 -4.80 -0.62
N GLU B 157 21.47 -5.29 -0.82
CA GLU B 157 20.87 -6.22 0.14
C GLU B 157 21.74 -7.47 0.14
N SER B 158 21.70 -8.22 1.24
CA SER B 158 22.58 -9.36 1.40
C SER B 158 22.12 -10.64 0.71
N THR B 159 21.22 -10.52 -0.27
CA THR B 159 20.77 -11.67 -1.04
C THR B 159 21.64 -11.82 -2.26
N ALA B 160 21.44 -12.88 -3.04
CA ALA B 160 22.21 -13.06 -4.25
C ALA B 160 21.89 -12.00 -5.30
N TYR B 161 20.74 -11.36 -5.15
CA TYR B 161 20.40 -10.25 -6.02
C TYR B 161 21.39 -9.10 -5.79
N GLY B 162 21.59 -8.75 -4.52
CA GLY B 162 22.45 -7.63 -4.20
C GLY B 162 23.89 -8.01 -4.42
N VAL B 163 24.21 -9.27 -4.15
CA VAL B 163 25.59 -9.73 -4.11
C VAL B 163 26.18 -9.94 -5.50
N THR B 164 25.41 -10.57 -6.38
CA THR B 164 25.84 -10.68 -7.77
C THR B 164 25.53 -9.39 -8.48
N GLY B 165 24.73 -8.56 -7.83
CA GLY B 165 24.44 -7.23 -8.32
C GLY B 165 25.69 -6.39 -8.20
N VAL B 166 26.21 -6.30 -6.99
CA VAL B 166 27.39 -5.47 -6.73
C VAL B 166 28.55 -6.00 -7.54
N ASP B 167 28.55 -7.30 -7.77
CA ASP B 167 29.58 -7.95 -8.59
C ASP B 167 29.56 -7.44 -10.03
N TYR B 168 28.47 -7.71 -10.74
CA TYR B 168 28.34 -7.28 -12.12
C TYR B 168 28.48 -5.77 -12.30
N LEU B 169 27.89 -5.02 -11.38
CA LEU B 169 27.99 -3.56 -11.47
C LEU B 169 29.43 -3.08 -11.53
N ALA B 170 30.25 -3.51 -10.56
CA ALA B 170 31.65 -3.11 -10.53
C ALA B 170 32.33 -3.41 -11.86
N ALA B 171 32.07 -4.60 -12.38
CA ALA B 171 32.69 -5.03 -13.62
C ALA B 171 32.40 -4.04 -14.74
N SER B 172 31.12 -3.84 -15.03
CA SER B 172 30.71 -2.97 -16.13
C SER B 172 31.31 -1.57 -16.00
N ILE B 173 31.32 -1.06 -14.78
CA ILE B 173 32.02 0.18 -14.46
C ILE B 173 33.48 0.14 -14.90
N ALA B 174 34.18 -0.92 -14.53
CA ALA B 174 35.58 -1.09 -14.92
C ALA B 174 35.71 -1.23 -16.42
N LYS B 175 34.81 -1.99 -17.02
CA LYS B 175 34.76 -2.17 -18.47
C LYS B 175 34.63 -0.82 -19.19
N ASN B 176 33.80 0.05 -18.63
CA ASN B 176 33.50 1.32 -19.27
C ASN B 176 34.51 2.39 -18.94
N GLY B 177 35.66 1.97 -18.42
CA GLY B 177 36.72 2.92 -18.13
C GLY B 177 36.39 3.73 -16.90
N GLY B 178 35.73 3.10 -15.93
CA GLY B 178 35.41 3.74 -14.68
C GLY B 178 36.23 3.16 -13.55
N ALA B 179 36.43 3.97 -12.50
CA ALA B 179 37.19 3.53 -11.34
C ALA B 179 36.50 2.41 -10.59
N LYS B 180 37.32 1.57 -9.97
CA LYS B 180 36.83 0.60 -9.01
C LYS B 180 36.03 1.32 -7.94
N PRO B 181 34.89 0.73 -7.53
CA PRO B 181 34.05 1.29 -6.47
C PRO B 181 34.84 1.69 -5.22
N VAL B 182 34.56 2.88 -4.74
CA VAL B 182 35.29 3.48 -3.63
C VAL B 182 35.00 2.77 -2.30
N ALA B 183 33.87 2.06 -2.24
CA ALA B 183 33.43 1.34 -1.04
C ALA B 183 32.21 0.50 -1.34
N THR B 184 32.10 -0.69 -0.77
CA THR B 184 30.88 -1.49 -0.90
C THR B 184 30.42 -2.07 0.44
N ASP B 185 29.12 -1.98 0.72
CA ASP B 185 28.57 -2.52 1.97
C ASP B 185 27.19 -3.14 1.77
N SER B 186 26.73 -3.88 2.78
CA SER B 186 25.47 -4.61 2.71
C SER B 186 24.58 -4.44 3.94
N TYR B 187 23.33 -4.84 3.80
CA TYR B 187 22.39 -4.89 4.91
C TYR B 187 21.57 -6.14 4.72
N ASN B 188 20.79 -6.50 5.72
CA ASN B 188 19.80 -7.55 5.52
C ASN B 188 18.44 -6.95 5.19
N GLN B 189 17.66 -7.67 4.39
CA GLN B 189 16.33 -7.20 4.05
C GLN B 189 15.59 -6.87 5.32
N GLY B 190 14.86 -5.76 5.33
CA GLY B 190 14.09 -5.37 6.49
C GLY B 190 14.87 -4.77 7.65
N ALA B 191 16.13 -4.44 7.41
CA ALA B 191 16.94 -3.76 8.41
C ALA B 191 16.25 -2.47 8.79
N GLN B 192 16.19 -2.18 10.08
N GLN B 192 16.20 -2.17 10.08
CA GLN B 192 15.47 -1.00 10.55
CA GLN B 192 15.49 -1.00 10.57
C GLN B 192 16.36 0.23 10.61
C GLN B 192 16.39 0.23 10.60
N ASP B 193 17.67 0.01 10.75
N ASP B 193 17.68 0.00 10.75
CA ASP B 193 18.66 1.08 10.82
CA ASP B 193 18.68 1.08 10.83
C ASP B 193 19.88 0.72 9.97
C ASP B 193 19.89 0.72 9.98
N MSE B 194 20.33 1.66 9.15
CA MSE B 194 21.45 1.39 8.23
C MSE B 194 22.63 2.37 8.33
O MSE B 194 23.10 2.88 7.32
CB MSE B 194 20.96 1.36 6.79
CG MSE B 194 19.94 0.29 6.51
SE MSE B 194 19.74 0.08 4.63
CE MSE B 194 18.16 -1.08 4.66
N THR B 195 23.14 2.60 9.54
CA THR B 195 24.17 3.61 9.74
C THR B 195 25.60 3.18 9.41
N ALA B 196 25.94 1.91 9.64
CA ALA B 196 27.29 1.43 9.36
C ALA B 196 27.64 1.65 7.90
N GLN B 197 26.78 1.11 7.05
CA GLN B 197 26.92 1.21 5.59
C GLN B 197 27.06 2.64 5.10
N VAL B 198 26.10 3.48 5.44
CA VAL B 198 26.12 4.87 5.00
C VAL B 198 27.40 5.57 5.49
N ALA B 199 27.81 5.25 6.70
CA ALA B 199 29.03 5.82 7.25
C ALA B 199 30.24 5.35 6.46
N ARG B 200 30.22 4.08 6.07
CA ARG B 200 31.28 3.51 5.24
C ARG B 200 31.38 4.25 3.90
N MSE B 201 30.28 4.87 3.50
CA MSE B 201 30.24 5.56 2.22
C MSE B 201 30.77 6.98 2.35
O MSE B 201 31.63 7.40 1.58
CB MSE B 201 28.81 5.57 1.68
CG MSE B 201 28.24 4.19 1.49
SE MSE B 201 29.07 3.26 0.00
CE MSE B 201 29.53 1.62 0.90
N LYS B 202 30.25 7.69 3.34
CA LYS B 202 30.63 9.08 3.55
C LYS B 202 32.12 9.18 3.77
N ARG B 203 32.65 8.26 4.55
N ARG B 203 32.66 8.26 4.56
CA ARG B 203 34.07 8.28 4.87
CA ARG B 203 34.08 8.30 4.87
C ARG B 203 34.91 7.90 3.65
C ARG B 203 34.90 7.89 3.66
N ALA B 204 34.24 7.35 2.65
CA ALA B 204 34.90 7.01 1.40
C ALA B 204 34.74 8.17 0.41
N ASN B 205 34.06 9.23 0.85
CA ASN B 205 33.85 10.42 0.02
C ASN B 205 33.22 10.06 -1.33
N VAL B 206 32.04 9.44 -1.29
CA VAL B 206 31.33 9.02 -2.49
C VAL B 206 30.80 10.21 -3.26
N ASP B 207 30.77 10.10 -4.58
CA ASP B 207 30.12 11.11 -5.42
C ASP B 207 28.70 10.68 -5.67
N ALA B 208 28.47 9.38 -5.51
CA ALA B 208 27.15 8.82 -5.70
C ALA B 208 27.14 7.52 -4.94
N ILE B 209 25.95 7.08 -4.52
CA ILE B 209 25.78 5.76 -3.94
C ILE B 209 24.84 4.95 -4.78
N ALA B 210 25.32 3.82 -5.26
CA ALA B 210 24.48 2.87 -5.97
C ALA B 210 23.84 1.91 -4.97
N ALA B 211 22.63 1.46 -5.29
CA ALA B 211 21.91 0.59 -4.38
C ALA B 211 21.24 -0.54 -5.16
N ILE B 212 21.40 -1.77 -4.69
CA ILE B 212 20.77 -2.94 -5.31
C ILE B 212 19.93 -3.68 -4.27
N GLY B 213 18.63 -3.48 -4.31
CA GLY B 213 17.72 -4.01 -3.32
C GLY B 213 16.31 -3.71 -3.76
N LEU B 214 15.38 -3.69 -2.82
CA LEU B 214 13.97 -3.48 -3.11
C LEU B 214 13.49 -2.25 -2.36
N GLY B 215 12.33 -1.74 -2.76
CA GLY B 215 11.90 -0.40 -2.39
C GLY B 215 11.70 -0.13 -0.91
N LYS B 216 11.30 -1.15 -0.17
CA LYS B 216 11.10 -0.98 1.28
C LYS B 216 12.43 -0.63 1.92
N ASP B 217 13.45 -1.38 1.55
CA ASP B 217 14.76 -1.13 2.10
C ASP B 217 15.31 0.15 1.53
N LEU B 218 14.96 0.47 0.29
CA LEU B 218 15.47 1.68 -0.33
C LEU B 218 14.95 2.91 0.40
N ALA B 219 13.70 2.86 0.86
CA ALA B 219 13.18 3.99 1.60
C ALA B 219 13.94 4.17 2.92
N VAL B 220 14.38 3.07 3.53
CA VAL B 220 15.19 3.13 4.75
C VAL B 220 16.60 3.67 4.47
N LEU B 221 17.16 3.28 3.33
CA LEU B 221 18.49 3.75 2.92
C LEU B 221 18.46 5.24 2.62
N ARG B 222 17.41 5.67 1.94
CA ARG B 222 17.28 7.06 1.54
C ARG B 222 17.29 7.99 2.77
N ARG B 223 16.52 7.63 3.79
N ARG B 223 16.52 7.62 3.78
CA ARG B 223 16.43 8.46 4.99
CA ARG B 223 16.41 8.42 5.00
C ARG B 223 17.72 8.49 5.80
C ARG B 223 17.71 8.48 5.80
N THR B 224 18.40 7.35 5.90
CA THR B 224 19.66 7.28 6.62
C THR B 224 20.68 8.22 6.00
N MSE B 225 20.81 8.21 4.67
CA MSE B 225 21.71 9.12 3.97
C MSE B 225 21.37 10.54 4.34
O MSE B 225 22.25 11.34 4.66
CB MSE B 225 21.55 8.99 2.46
CG MSE B 225 22.02 7.67 1.88
SE MSE B 225 21.54 7.41 0.00
CE MSE B 225 22.30 9.06 -0.73
N ALA B 226 20.08 10.84 4.27
CA ALA B 226 19.58 12.17 4.59
C ALA B 226 19.90 12.51 6.04
N ARG B 227 19.64 11.57 6.93
CA ARG B 227 19.98 11.74 8.34
C ARG B 227 21.46 12.07 8.49
N LEU B 228 22.33 11.27 7.89
CA LEU B 228 23.77 11.45 8.03
C LEU B 228 24.33 12.56 7.15
N ASN B 229 23.44 13.35 6.55
CA ASN B 229 23.82 14.44 5.65
C ASN B 229 24.74 13.98 4.54
N VAL B 230 24.56 12.75 4.11
CA VAL B 230 25.20 12.29 2.90
C VAL B 230 24.27 12.73 1.80
N ASN B 231 24.64 13.85 1.20
CA ASN B 231 23.80 14.49 0.18
C ASN B 231 24.37 14.25 -1.21
N VAL B 232 24.28 13.01 -1.68
CA VAL B 232 24.74 12.61 -3.00
C VAL B 232 23.60 11.86 -3.71
N PRO B 233 23.61 11.84 -5.05
CA PRO B 233 22.55 11.17 -5.81
C PRO B 233 22.44 9.70 -5.43
N LEU B 234 21.25 9.15 -5.53
CA LEU B 234 21.07 7.75 -5.22
C LEU B 234 20.74 7.05 -6.52
N ALA B 235 21.52 6.04 -6.88
CA ALA B 235 21.35 5.36 -8.14
C ALA B 235 20.91 3.94 -7.88
N ALA B 236 19.62 3.68 -8.00
CA ALA B 236 19.05 2.42 -7.58
C ALA B 236 18.78 1.44 -8.72
N SER B 237 18.68 0.16 -8.38
CA SER B 237 18.27 -0.85 -9.32
C SER B 237 16.77 -0.77 -9.59
N ASN B 238 16.31 -1.38 -10.68
CA ASN B 238 14.90 -1.32 -11.10
C ASN B 238 14.02 -1.83 -9.96
N GLY B 239 14.50 -2.86 -9.29
CA GLY B 239 13.73 -3.48 -8.22
C GLY B 239 13.55 -2.59 -7.02
N ALA B 240 14.43 -1.60 -6.88
CA ALA B 240 14.44 -0.76 -5.69
C ALA B 240 13.45 0.39 -5.80
N LEU B 241 12.80 0.51 -6.96
CA LEU B 241 12.04 1.71 -7.26
C LEU B 241 10.54 1.51 -7.22
N GLY B 242 10.11 0.51 -6.46
CA GLY B 242 8.70 0.24 -6.33
C GLY B 242 7.97 1.17 -5.40
N GLN B 243 6.68 0.89 -5.23
CA GLN B 243 5.82 1.69 -4.38
C GLN B 243 6.35 1.93 -2.96
N PRO B 244 6.88 0.89 -2.28
CA PRO B 244 7.30 1.18 -0.90
C PRO B 244 8.44 2.19 -0.81
N TYR B 245 9.22 2.34 -1.87
CA TYR B 245 10.21 3.40 -1.90
C TYR B 245 9.51 4.71 -2.05
N GLN B 246 8.56 4.74 -2.99
CA GLN B 246 7.70 5.89 -3.20
C GLN B 246 6.92 6.19 -1.92
N GLU B 247 6.30 5.15 -1.36
CA GLU B 247 5.56 5.24 -0.11
C GLU B 247 6.41 5.93 0.95
N GLY B 248 7.51 5.30 1.30
CA GLY B 248 8.35 5.75 2.41
C GLY B 248 9.01 7.10 2.26
N ALA B 249 9.83 7.26 1.22
CA ALA B 249 10.68 8.43 1.09
C ALA B 249 9.93 9.74 0.76
N GLY B 250 8.82 9.62 0.05
CA GLY B 250 8.03 10.79 -0.33
C GLY B 250 8.84 11.86 -1.05
N GLU B 251 9.08 12.98 -0.36
CA GLU B 251 9.87 14.08 -0.92
C GLU B 251 11.29 13.67 -1.23
N LEU B 252 11.83 12.74 -0.47
CA LEU B 252 13.22 12.38 -0.62
C LEU B 252 13.54 11.64 -1.93
N THR B 253 12.50 11.19 -2.65
CA THR B 253 12.72 10.49 -3.92
C THR B 253 13.42 11.39 -4.94
N LEU B 254 13.11 12.69 -4.86
CA LEU B 254 13.66 13.69 -5.77
C LEU B 254 15.16 13.56 -5.95
N GLY B 255 15.60 13.36 -7.18
CA GLY B 255 17.01 13.26 -7.44
C GLY B 255 17.53 11.85 -7.44
N THR B 256 16.77 10.92 -6.87
CA THR B 256 17.16 9.53 -6.99
C THR B 256 16.95 9.16 -8.44
N LEU B 257 17.79 8.29 -8.96
CA LEU B 257 17.65 7.83 -10.31
C LEU B 257 17.83 6.33 -10.34
N GLY B 258 17.46 5.69 -11.43
CA GLY B 258 17.59 4.26 -11.51
C GLY B 258 17.52 3.74 -12.92
N THR B 259 18.09 2.55 -13.14
CA THR B 259 17.98 1.84 -14.40
C THR B 259 16.68 1.06 -14.36
N MSE B 260 15.86 1.17 -15.41
CA MSE B 260 14.57 0.48 -15.43
C MSE B 260 14.23 -0.14 -16.78
O MSE B 260 14.56 0.41 -17.83
CB MSE B 260 13.43 1.41 -15.01
CG MSE B 260 13.64 2.11 -13.68
SE MSE B 260 12.33 3.49 -13.31
CE MSE B 260 10.92 2.34 -12.63
N ILE B 261 13.55 -1.28 -16.75
CA ILE B 261 12.88 -1.79 -17.94
C ILE B 261 11.93 -0.70 -18.42
N GLY B 262 12.14 -0.25 -19.66
CA GLY B 262 11.48 0.96 -20.13
C GLY B 262 10.17 0.80 -20.87
N ALA B 263 9.58 -0.39 -20.79
CA ALA B 263 8.38 -0.74 -21.56
C ALA B 263 7.29 0.31 -21.54
N PHE B 264 7.06 0.92 -20.38
CA PHE B 264 5.94 1.84 -20.25
C PHE B 264 6.32 3.31 -20.37
N GLY B 265 7.57 3.57 -20.71
CA GLY B 265 7.98 4.92 -21.06
C GLY B 265 7.52 5.29 -22.46
N ASN B 266 7.07 6.53 -22.63
CA ASN B 266 6.69 7.02 -23.95
C ASN B 266 7.91 7.22 -24.83
N PRO B 267 7.86 6.71 -26.07
CA PRO B 267 6.71 6.04 -26.68
C PRO B 267 6.69 4.55 -26.38
N MSE B 268 5.51 4.03 -26.05
CA MSE B 268 5.39 2.60 -25.79
C MSE B 268 5.27 1.83 -27.10
O MSE B 268 4.76 2.35 -28.08
CB MSE B 268 4.16 2.35 -24.94
CG MSE B 268 4.19 3.01 -23.61
SE MSE B 268 2.62 2.51 -22.58
CE MSE B 268 2.31 4.26 -21.77
N ARG B 269 5.75 0.60 -27.09
CA ARG B 269 5.47 -0.29 -28.20
C ARG B 269 4.02 -0.70 -28.09
N ALA B 270 3.45 -1.15 -29.20
CA ALA B 270 2.05 -1.54 -29.24
C ALA B 270 1.66 -2.56 -28.17
N PRO B 271 2.46 -3.62 -27.98
CA PRO B 271 2.05 -4.60 -26.97
C PRO B 271 1.94 -4.00 -25.57
N ALA B 272 2.83 -3.06 -25.25
CA ALA B 272 2.79 -2.42 -23.94
C ALA B 272 1.54 -1.54 -23.84
N ALA B 273 1.30 -0.75 -24.87
CA ALA B 273 0.13 0.11 -24.88
C ALA B 273 -1.14 -0.74 -24.79
N ASP B 274 -1.18 -1.84 -25.53
CA ASP B 274 -2.34 -2.72 -25.51
C ASP B 274 -2.56 -3.31 -24.11
N PHE B 275 -1.46 -3.66 -23.46
CA PHE B 275 -1.54 -4.25 -22.14
C PHE B 275 -1.98 -3.23 -21.10
N ALA B 276 -1.46 -2.03 -21.20
CA ALA B 276 -1.80 -1.01 -20.23
C ALA B 276 -3.29 -0.74 -20.29
N LYS B 277 -3.82 -0.61 -21.51
CA LYS B 277 -5.25 -0.40 -21.71
C LYS B 277 -6.03 -1.57 -21.13
N ALA B 278 -5.57 -2.77 -21.45
CA ALA B 278 -6.18 -4.00 -20.94
C ALA B 278 -6.12 -4.10 -19.42
N TYR B 279 -4.98 -3.77 -18.84
CA TYR B 279 -4.82 -3.78 -17.40
C TYR B 279 -5.72 -2.74 -16.76
N LYS B 280 -5.69 -1.52 -17.29
CA LYS B 280 -6.45 -0.43 -16.72
C LYS B 280 -7.96 -0.69 -16.77
N ALA B 281 -8.42 -1.40 -17.79
CA ALA B 281 -9.82 -1.73 -17.87
C ALA B 281 -10.24 -2.72 -16.78
N LYS B 282 -9.38 -3.67 -16.45
CA LYS B 282 -9.73 -4.70 -15.47
C LYS B 282 -9.53 -4.29 -14.02
N TYR B 283 -8.51 -3.47 -13.76
CA TYR B 283 -8.10 -3.17 -12.39
C TYR B 283 -8.24 -1.69 -12.01
N GLY B 284 -8.50 -0.85 -13.00
CA GLY B 284 -8.53 0.58 -12.77
C GLY B 284 -7.16 1.20 -12.50
N THR B 285 -7.17 2.35 -11.83
CA THR B 285 -5.94 3.06 -11.50
C THR B 285 -5.47 2.70 -10.09
N ASP B 286 -5.04 1.46 -9.96
CA ASP B 286 -4.72 0.91 -8.65
C ASP B 286 -3.30 1.22 -8.21
N ARG B 287 -2.79 0.43 -7.28
CA ARG B 287 -1.47 0.64 -6.74
C ARG B 287 -0.36 0.48 -7.78
N TRP B 288 -0.54 -0.46 -8.72
CA TRP B 288 0.47 -0.75 -9.74
C TRP B 288 0.40 0.18 -10.93
N TRP B 289 -0.79 0.64 -11.24
CA TRP B 289 -0.93 1.60 -12.30
C TRP B 289 -0.29 2.91 -11.90
N GLY B 290 -0.61 3.39 -10.70
CA GLY B 290 -0.05 4.63 -10.20
C GLY B 290 -1.07 5.75 -10.13
N ASN B 291 -0.60 6.95 -9.83
CA ASN B 291 -1.50 8.08 -9.62
C ASN B 291 -1.74 8.97 -10.84
N ASP B 292 -1.31 8.54 -12.03
CA ASP B 292 -1.57 9.29 -13.25
C ASP B 292 -2.33 8.43 -14.25
N PRO B 293 -3.64 8.68 -14.40
CA PRO B 293 -4.52 7.94 -15.30
C PRO B 293 -4.01 7.79 -16.74
N GLU B 294 -3.40 8.83 -17.31
CA GLU B 294 -2.99 8.76 -18.71
C GLU B 294 -1.66 8.06 -18.93
N ASN B 295 -1.01 7.68 -17.83
CA ASN B 295 0.32 7.10 -17.92
C ASN B 295 0.58 6.14 -16.79
N PRO B 296 0.70 4.85 -17.12
CA PRO B 296 1.02 3.80 -16.16
C PRO B 296 2.47 3.95 -15.69
N GLN B 297 2.73 3.66 -14.42
CA GLN B 297 4.08 3.79 -13.87
C GLN B 297 5.09 2.85 -14.52
N LEU B 298 6.33 3.31 -14.63
CA LEU B 298 7.42 2.52 -15.22
C LEU B 298 7.65 1.22 -14.44
N PHE B 299 7.47 1.27 -13.12
CA PHE B 299 7.71 0.13 -12.26
C PHE B 299 6.75 -1.04 -12.54
N MSE B 300 5.67 -0.77 -13.26
CA MSE B 300 4.77 -1.82 -13.68
C MSE B 300 5.50 -2.87 -14.51
O MSE B 300 5.06 -4.02 -14.59
CB MSE B 300 3.58 -1.19 -14.44
CG MSE B 300 2.67 -2.17 -15.14
SE MSE B 300 0.94 -1.39 -15.58
CE MSE B 300 -0.06 -2.28 -14.20
N ALA B 301 6.62 -2.51 -15.13
CA ALA B 301 7.32 -3.44 -16.00
C ALA B 301 8.01 -4.58 -15.24
N ILE B 302 8.50 -4.27 -14.05
CA ILE B 302 9.23 -5.25 -13.26
C ILE B 302 8.34 -5.90 -12.21
N SER B 303 7.17 -5.32 -11.96
CA SER B 303 6.25 -5.90 -10.99
C SER B 303 5.03 -6.62 -11.60
N VAL B 304 4.71 -6.31 -12.85
CA VAL B 304 3.46 -6.78 -13.43
C VAL B 304 3.59 -7.43 -14.80
N SER B 305 4.17 -6.71 -15.77
CA SER B 305 4.18 -7.19 -17.15
C SER B 305 5.16 -8.32 -17.40
N ASN B 306 6.14 -8.48 -16.53
CA ASN B 306 7.00 -9.64 -16.68
C ASN B 306 6.23 -10.93 -16.44
N GLY B 307 5.34 -10.91 -15.45
CA GLY B 307 4.51 -12.09 -15.18
C GLY B 307 3.40 -12.27 -16.19
N TYR B 308 3.00 -11.19 -16.83
CA TYR B 308 2.03 -11.26 -17.92
C TYR B 308 2.65 -11.94 -19.12
N ASP B 309 3.83 -11.48 -19.50
CA ASP B 309 4.57 -12.09 -20.57
C ASP B 309 4.83 -13.55 -20.23
N ALA B 310 5.18 -13.79 -18.97
CA ALA B 310 5.45 -15.15 -18.49
C ALA B 310 4.30 -16.09 -18.80
N ALA B 311 3.09 -15.71 -18.41
CA ALA B 311 1.92 -16.53 -18.66
C ALA B 311 1.66 -16.74 -20.16
N ASN B 312 1.77 -15.67 -20.93
CA ASN B 312 1.53 -15.76 -22.37
C ASN B 312 2.47 -16.74 -23.06
N ILE B 313 3.76 -16.64 -22.74
CA ILE B 313 4.75 -17.56 -23.31
C ILE B 313 4.45 -19.00 -22.93
N LEU B 314 3.98 -19.21 -21.71
CA LEU B 314 3.61 -20.55 -21.27
C LEU B 314 2.40 -21.06 -22.05
N PHE B 315 1.40 -20.20 -22.18
CA PHE B 315 0.16 -20.61 -22.81
C PHE B 315 0.42 -20.83 -24.28
N GLU B 316 1.24 -19.96 -24.84
CA GLU B 316 1.56 -20.06 -26.24
C GLU B 316 2.42 -21.31 -26.48
N GLY B 317 3.27 -21.63 -25.52
CA GLY B 317 4.07 -22.83 -25.61
C GLY B 317 3.15 -24.02 -25.63
N ILE B 318 2.19 -24.01 -24.72
CA ILE B 318 1.23 -25.10 -24.66
C ILE B 318 0.34 -25.10 -25.89
N ARG B 319 -0.08 -23.91 -26.31
CA ARG B 319 -0.93 -23.81 -27.48
C ARG B 319 -0.20 -24.36 -28.70
N LEU B 320 1.11 -24.12 -28.76
CA LEU B 320 1.94 -24.52 -29.89
C LEU B 320 2.16 -26.02 -29.96
N ALA B 321 2.44 -26.63 -28.82
CA ALA B 321 2.71 -28.07 -28.76
C ALA B 321 1.48 -28.88 -29.11
N ASN B 322 0.31 -28.34 -28.78
CA ASN B 322 -0.92 -29.11 -28.70
C ASN B 322 -0.72 -30.29 -27.77
N SER B 323 -0.20 -29.98 -26.59
CA SER B 323 -0.01 -30.97 -25.52
C SER B 323 0.39 -30.20 -24.28
N THR B 324 0.25 -30.82 -23.12
CA THR B 324 0.76 -30.26 -21.88
C THR B 324 2.00 -31.05 -21.45
N ASP B 325 2.49 -31.84 -22.39
CA ASP B 325 3.61 -32.73 -22.12
C ASP B 325 4.90 -31.96 -21.92
N PRO B 326 5.49 -32.12 -20.73
CA PRO B 326 6.59 -31.31 -20.23
C PRO B 326 7.74 -31.17 -21.21
N LYS B 327 7.96 -32.16 -22.07
CA LYS B 327 9.06 -32.06 -23.03
C LYS B 327 8.58 -31.38 -24.30
N ALA B 328 7.31 -31.57 -24.62
CA ALA B 328 6.71 -31.01 -25.81
C ALA B 328 6.53 -29.51 -25.70
N VAL B 329 5.92 -29.09 -24.61
CA VAL B 329 5.64 -27.67 -24.36
C VAL B 329 6.92 -26.86 -24.35
N ILE B 330 7.94 -27.38 -23.68
CA ILE B 330 9.25 -26.74 -23.65
C ILE B 330 9.77 -26.53 -25.07
N ALA B 331 9.67 -27.57 -25.89
CA ALA B 331 10.10 -27.52 -27.28
C ALA B 331 9.34 -26.47 -28.06
N ALA B 332 8.07 -26.26 -27.73
CA ALA B 332 7.27 -25.26 -28.39
C ALA B 332 7.81 -23.89 -28.01
N ILE B 333 8.01 -23.69 -26.73
CA ILE B 333 8.55 -22.42 -26.28
C ILE B 333 9.89 -22.12 -26.94
N GLU B 334 10.81 -23.09 -26.96
CA GLU B 334 12.16 -22.84 -27.46
C GLU B 334 12.18 -22.57 -28.96
N SER B 335 11.01 -22.67 -29.59
CA SER B 335 10.87 -22.41 -31.01
C SER B 335 10.12 -21.11 -31.19
N ILE B 336 10.10 -20.28 -30.16
CA ILE B 336 9.39 -19.02 -30.24
C ILE B 336 10.29 -17.91 -30.74
N LYS B 337 9.85 -17.28 -31.83
CA LYS B 337 10.63 -16.23 -32.48
C LYS B 337 9.73 -15.01 -32.72
N ASP B 338 10.24 -13.81 -32.41
CA ASP B 338 9.55 -12.53 -32.66
C ASP B 338 8.21 -12.36 -31.94
N TYR B 339 8.06 -12.96 -30.77
CA TYR B 339 6.81 -12.80 -30.03
C TYR B 339 6.70 -11.40 -29.51
N GLN B 340 5.53 -10.80 -29.65
CA GLN B 340 5.37 -9.40 -29.31
C GLN B 340 4.91 -9.21 -27.87
N GLY B 341 5.85 -9.37 -26.94
CA GLY B 341 5.58 -9.25 -25.52
C GLY B 341 5.54 -7.80 -25.09
N VAL B 342 5.17 -7.57 -23.84
CA VAL B 342 5.06 -6.21 -23.32
C VAL B 342 6.44 -5.63 -23.02
N ASN B 343 7.23 -6.37 -22.26
CA ASN B 343 8.53 -5.90 -21.86
C ASN B 343 9.57 -5.96 -22.97
N THR B 344 9.44 -6.95 -23.86
CA THR B 344 10.40 -7.12 -24.93
C THR B 344 9.89 -8.08 -25.99
N ALA B 345 10.61 -8.17 -27.10
CA ALA B 345 10.45 -9.26 -28.04
C ALA B 345 11.21 -10.43 -27.45
N TYR B 346 10.63 -11.62 -27.54
CA TYR B 346 11.27 -12.82 -27.02
C TYR B 346 11.58 -13.75 -28.16
N THR B 347 12.81 -14.25 -28.20
CA THR B 347 13.13 -15.32 -29.12
C THR B 347 13.91 -16.41 -28.40
N PHE B 348 13.26 -17.56 -28.22
CA PHE B 348 13.83 -18.64 -27.41
C PHE B 348 14.53 -19.72 -28.24
N SER B 349 15.37 -20.50 -27.57
CA SER B 349 16.12 -21.57 -28.24
C SER B 349 16.72 -22.43 -27.16
N LYS B 350 17.37 -23.50 -27.56
CA LYS B 350 17.94 -24.42 -26.59
C LYS B 350 18.99 -23.75 -25.75
N GLU B 351 19.60 -22.69 -26.29
CA GLU B 351 20.61 -21.97 -25.56
C GLU B 351 20.09 -20.64 -25.00
N ARG B 352 19.06 -20.08 -25.64
CA ARG B 352 18.48 -18.81 -25.18
C ARG B 352 17.16 -19.02 -24.46
N HIS B 353 17.19 -18.75 -23.16
CA HIS B 353 16.03 -18.92 -22.30
C HIS B 353 15.59 -17.62 -21.58
N HIS B 354 16.06 -16.49 -22.08
CA HIS B 354 15.75 -15.19 -21.51
C HIS B 354 15.39 -14.27 -22.66
N GLY B 355 14.86 -13.10 -22.37
CA GLY B 355 14.52 -12.15 -23.40
C GLY B 355 15.06 -10.73 -23.32
N ILE B 356 15.22 -10.22 -22.11
CA ILE B 356 15.56 -8.83 -21.96
C ILE B 356 17.05 -8.60 -22.09
N GLU B 357 17.42 -7.70 -22.99
CA GLU B 357 18.78 -7.25 -23.21
C GLU B 357 18.85 -5.74 -22.98
N THR B 358 20.04 -5.18 -22.98
CA THR B 358 20.23 -3.81 -22.48
C THR B 358 19.46 -2.73 -23.24
N ASP B 359 18.94 -3.09 -24.42
CA ASP B 359 18.11 -2.18 -25.19
C ASP B 359 16.81 -1.87 -24.46
N GLY B 360 16.36 -2.81 -23.62
CA GLY B 360 15.09 -2.65 -22.92
C GLY B 360 15.22 -1.89 -21.62
N VAL B 361 16.44 -1.44 -21.33
CA VAL B 361 16.75 -0.77 -20.07
C VAL B 361 17.12 0.66 -20.32
N LYS B 362 16.50 1.58 -19.58
CA LYS B 362 16.84 2.99 -19.67
C LYS B 362 17.07 3.56 -18.26
N VAL B 363 17.81 4.67 -18.17
CA VAL B 363 18.00 5.34 -16.88
C VAL B 363 16.99 6.47 -16.71
N PHE B 364 16.34 6.49 -15.55
CA PHE B 364 15.35 7.50 -15.26
C PHE B 364 15.72 8.17 -13.95
N GLU B 365 15.22 9.39 -13.75
CA GLU B 365 15.50 10.11 -12.52
C GLU B 365 14.24 10.82 -12.07
N TYR B 366 13.97 10.77 -10.77
CA TYR B 366 12.93 11.62 -10.24
C TYR B 366 13.44 13.03 -10.31
N VAL B 367 12.65 13.91 -10.93
CA VAL B 367 12.99 15.31 -11.00
C VAL B 367 11.71 16.09 -10.77
N LYS B 368 11.85 17.38 -10.49
CA LYS B 368 10.69 18.23 -10.34
C LYS B 368 10.08 18.58 -11.69
N LYS B 369 8.79 18.28 -11.87
CA LYS B 369 8.06 18.74 -13.03
C LYS B 369 7.36 20.05 -12.67
N GLY B 370 8.12 20.92 -12.01
CA GLY B 370 7.56 22.16 -11.49
C GLY B 370 6.88 21.91 -10.17
N ASP B 371 5.70 21.28 -10.23
CA ASP B 371 4.84 21.14 -9.06
C ASP B 371 4.70 19.70 -8.55
N LYS B 372 5.23 18.75 -9.31
CA LYS B 372 5.26 17.34 -8.91
C LYS B 372 6.67 16.77 -9.07
N ILE B 373 6.95 15.63 -8.43
CA ILE B 373 8.23 14.95 -8.59
C ILE B 373 8.02 13.60 -9.26
N ARG B 374 8.43 13.46 -10.52
CA ARG B 374 8.18 12.21 -11.25
C ARG B 374 9.42 11.67 -11.92
N LEU B 375 9.40 10.36 -12.17
CA LEU B 375 10.47 9.71 -12.93
C LEU B 375 10.36 10.09 -14.39
N GLU B 376 11.40 10.71 -14.91
N GLU B 376 11.42 10.68 -14.92
CA GLU B 376 11.47 11.00 -16.34
CA GLU B 376 11.48 11.05 -16.32
C GLU B 376 12.79 10.48 -16.86
C GLU B 376 12.79 10.48 -16.86
N PRO B 377 12.86 10.20 -18.17
CA PRO B 377 14.11 9.67 -18.74
C PRO B 377 15.26 10.68 -18.67
N ILE B 378 16.50 10.22 -18.86
CA ILE B 378 17.67 11.10 -18.79
C ILE B 378 18.30 11.39 -20.15
C ACY C . -10.71 4.73 16.75
O ACY C . -9.74 4.07 17.13
OXT ACY C . -11.45 5.41 17.51
CH3 ACY C . -11.03 4.69 15.29
NA NA D . -5.22 4.77 -6.98
C ACY E . -1.98 4.46 -6.32
O ACY E . -2.89 4.47 -7.19
OXT ACY E . -1.98 3.72 -5.31
CH3 ACY E . -0.84 5.39 -6.54
C ACY F . 15.92 -10.45 -7.21
O ACY F . 15.64 -10.79 -6.04
OXT ACY F . 16.82 -10.97 -7.90
CH3 ACY F . 15.13 -9.32 -7.80
#